data_9FPI
#
_entry.id   9FPI
#
_cell.length_a   112.200
_cell.length_b   74.930
_cell.length_c   71.040
_cell.angle_alpha   90.00
_cell.angle_beta   111.39
_cell.angle_gamma   90.00
#
_symmetry.space_group_name_H-M   'C 1 2 1'
#
loop_
_entity.id
_entity.type
_entity.pdbx_description
1 polymer 'Carbon monoxide dehydrogenase 2'
2 non-polymer 'IRON/SULFUR CLUSTER'
3 non-polymer 'FE2/S2 (INORGANIC) CLUSTER'
4 non-polymer 'FE3-S4 CLUSTER'
5 non-polymer 'FE (III) ION'
6 non-polymer 'NICKEL (II) ION'
7 non-polymer 'CARBON MONOXIDE'
8 non-polymer 'CARBON DIOXIDE'
9 non-polymer 2-AMINO-2-HYDROXYMETHYL-PROPANE-1,3-DIOL
10 water water
#
_entity_poly.entity_id   1
_entity_poly.type   'polypeptide(L)'
_entity_poly.pdbx_seq_one_letter_code
;MARQNLKSTDRAVQQMLDKAKREGIQTVWDRYEAMKPQCGFGETGLCCRHCLQGPCRINPFGDEPKVGICGATAEVIVAR
GLDRSIAAGAAGHSGHAKHLAHTLKKAVQGKAASYMIKDRTKLHSIAKRLGIPTEGQKDEDIALEVAKAALADFHEKDTP
VLWVTTVLPPSRVKVLSAHGLIPAGIDHEIAEIMHRTSMGCDADAQNLLLGGLRCSLADLAGCYMGTDLADILFGTPAPV
VTESNLGVLKADAVNVAVHGHNPVLSDIIVSVSKEMENEARAAGATGINVVGICCTGNEVLMRHGIPACTHSVSQEMAMI
TGALDAMILDYQCIQPSVATIAECTGTTVITTMEMSKITGATHVNFAEEAAVENAKQILRLAIDTFKRRKGKPVEIPNIK
TKVVAGFSTEAIINALSKLNANDPLKPLIDNVVNGNIRGVCLFAGCNNVKVPQDQNFTTIARKLLKQNVLVVATGCGAGA
LMRHGFMDPANVDELCGDGLKAVLTAIGEANGLGGPLPPVLHMGSCVDNSRAVALVAALANRLGVDLDRLPVVASAAEAM
HEKAVAIGTWAVTIGLPTHIGVLPPITGSLPVTQILTSSVKDITGGYFIVELDPETAADKLLAAINERRAGLGLPW
;
_entity_poly.pdbx_strand_id   X
#
loop_
_chem_comp.id
_chem_comp.type
_chem_comp.name
_chem_comp.formula
CMO non-polymer 'CARBON MONOXIDE' 'C O'
CO2 non-polymer 'CARBON DIOXIDE' 'C O2'
F3S non-polymer 'FE3-S4 CLUSTER' 'Fe3 S4'
FE non-polymer 'FE (III) ION' 'Fe 3'
FES non-polymer 'FE2/S2 (INORGANIC) CLUSTER' 'Fe2 S2'
NI non-polymer 'NICKEL (II) ION' 'Ni 2'
SF4 non-polymer 'IRON/SULFUR CLUSTER' 'Fe4 S4'
TRS non-polymer 2-AMINO-2-HYDROXYMETHYL-PROPANE-1,3-DIOL 'C4 H12 N O3 1'
#
# COMPACT_ATOMS: atom_id res chain seq x y z
N GLN A 4 17.69 12.00 -17.58
CA GLN A 4 17.12 10.92 -16.71
C GLN A 4 15.89 11.45 -15.95
N ASN A 5 15.57 12.73 -16.05
CA ASN A 5 14.40 13.48 -15.51
C ASN A 5 13.08 13.02 -16.14
N LEU A 6 13.17 12.38 -17.30
N LEU A 6 13.11 12.53 -17.36
CA LEU A 6 12.05 11.85 -17.96
CA LEU A 6 11.96 11.90 -17.92
C LEU A 6 11.76 10.58 -17.24
C LEU A 6 11.75 10.55 -17.28
N LYS A 7 12.76 9.89 -16.63
CA LYS A 7 12.54 8.58 -15.98
CA LYS A 7 12.54 8.58 -15.98
C LYS A 7 12.08 8.74 -14.55
N SER A 8 12.77 9.57 -13.79
CA SER A 8 12.42 9.78 -12.40
C SER A 8 12.66 11.23 -12.02
N THR A 9 11.78 11.79 -11.19
CA THR A 9 11.98 13.11 -10.63
C THR A 9 12.83 13.09 -9.37
N ASP A 10 13.27 11.92 -8.92
N ASP A 10 13.23 11.91 -8.89
CA ASP A 10 14.11 11.79 -7.74
CA ASP A 10 14.05 11.74 -7.69
C ASP A 10 15.57 11.88 -8.15
C ASP A 10 15.51 11.78 -8.10
N ARG A 11 16.28 12.86 -7.60
N ARG A 11 16.24 12.78 -7.58
CA ARG A 11 17.69 13.12 -7.99
CA ARG A 11 17.63 13.04 -8.04
C ARG A 11 18.56 11.90 -7.64
C ARG A 11 18.58 11.94 -7.60
N ALA A 12 18.29 11.22 -6.52
CA ALA A 12 19.12 10.06 -6.17
C ALA A 12 18.94 8.94 -7.19
N VAL A 13 17.69 8.73 -7.62
CA VAL A 13 17.41 7.75 -8.65
C VAL A 13 18.09 8.14 -9.96
N GLN A 14 18.02 9.43 -10.32
CA GLN A 14 18.71 9.87 -11.54
C GLN A 14 20.19 9.55 -11.47
N GLN A 15 20.83 9.81 -10.32
CA GLN A 15 22.26 9.55 -10.20
C GLN A 15 22.56 8.07 -10.43
N MET A 16 21.72 7.20 -9.87
CA MET A 16 21.94 5.77 -10.01
C MET A 16 21.58 5.27 -11.41
N LEU A 17 20.63 5.93 -12.09
CA LEU A 17 20.38 5.59 -13.49
C LEU A 17 21.60 5.87 -14.35
N ASP A 18 22.31 6.97 -14.06
CA ASP A 18 23.55 7.25 -14.79
C ASP A 18 24.58 6.15 -14.54
N LYS A 19 24.71 5.69 -13.29
CA LYS A 19 25.67 4.64 -12.99
C LYS A 19 25.27 3.33 -13.66
N ALA A 20 23.99 2.95 -13.59
CA ALA A 20 23.54 1.73 -14.27
C ALA A 20 23.83 1.81 -15.77
N LYS A 21 23.61 2.97 -16.38
CA LYS A 21 23.84 3.11 -17.82
C LYS A 21 25.30 2.88 -18.17
N ARG A 22 26.21 3.55 -17.48
CA ARG A 22 27.62 3.39 -17.84
C ARG A 22 28.13 2.00 -17.50
N GLU A 23 27.50 1.29 -16.57
CA GLU A 23 27.91 -0.09 -16.18
C GLU A 23 27.17 -1.14 -17.00
N GLY A 24 26.26 -0.74 -17.88
CA GLY A 24 25.55 -1.69 -18.71
C GLY A 24 24.53 -2.53 -17.99
N ILE A 25 24.01 -2.06 -16.86
CA ILE A 25 23.02 -2.81 -16.10
C ILE A 25 21.64 -2.35 -16.53
N GLN A 26 20.89 -3.28 -17.13
CA GLN A 26 19.54 -2.98 -17.58
C GLN A 26 18.61 -2.74 -16.40
N THR A 27 17.77 -1.71 -16.53
CA THR A 27 16.81 -1.34 -15.50
C THR A 27 15.38 -1.50 -16.00
N VAL A 28 14.43 -1.33 -15.06
CA VAL A 28 13.01 -1.32 -15.40
C VAL A 28 12.68 -0.34 -16.52
N TRP A 29 13.33 0.84 -16.52
CA TRP A 29 13.07 1.82 -17.58
C TRP A 29 13.57 1.34 -18.93
N ASP A 30 14.71 0.63 -18.94
CA ASP A 30 15.20 0.06 -20.18
C ASP A 30 14.28 -1.05 -20.68
N ARG A 31 13.76 -1.87 -19.77
CA ARG A 31 12.87 -2.95 -20.17
C ARG A 31 11.54 -2.40 -20.68
N TYR A 32 11.08 -1.27 -20.13
CA TYR A 32 9.92 -0.57 -20.66
C TYR A 32 10.19 -0.05 -22.07
N GLU A 33 11.33 0.61 -22.28
N GLU A 33 11.29 0.70 -22.26
CA GLU A 33 11.63 1.10 -23.62
CA GLU A 33 11.60 1.19 -23.60
C GLU A 33 11.63 -0.03 -24.63
C GLU A 33 11.59 0.06 -24.61
N ALA A 34 12.17 -1.19 -24.24
CA ALA A 34 12.23 -2.34 -25.14
C ALA A 34 10.86 -2.92 -25.42
N MET A 35 9.86 -2.61 -24.61
CA MET A 35 8.51 -3.11 -24.75
C MET A 35 7.65 -2.24 -25.68
N LYS A 36 8.11 -1.04 -26.02
CA LYS A 36 7.29 -0.15 -26.84
C LYS A 36 7.40 -0.52 -28.31
N PRO A 37 6.29 -0.35 -29.07
CA PRO A 37 4.96 0.05 -28.60
C PRO A 37 4.26 -1.13 -27.96
N GLN A 38 3.55 -0.91 -26.87
CA GLN A 38 2.82 -1.96 -26.21
C GLN A 38 1.52 -2.30 -26.97
N CYS A 39 1.02 -3.51 -26.73
CA CYS A 39 -0.16 -3.98 -27.44
C CYS A 39 -1.38 -3.13 -27.12
N GLY A 40 -2.03 -2.62 -28.17
CA GLY A 40 -3.21 -1.80 -27.99
C GLY A 40 -4.44 -2.58 -27.56
N PHE A 41 -4.51 -3.88 -27.86
CA PHE A 41 -5.61 -4.69 -27.35
C PHE A 41 -5.50 -4.82 -25.84
N GLY A 42 -4.32 -5.17 -25.34
CA GLY A 42 -4.12 -5.24 -23.90
C GLY A 42 -4.33 -3.90 -23.20
N GLU A 43 -3.85 -2.81 -23.82
CA GLU A 43 -3.95 -1.49 -23.19
C GLU A 43 -5.40 -1.11 -22.95
N THR A 44 -6.29 -1.46 -23.89
CA THR A 44 -7.69 -1.09 -23.83
C THR A 44 -8.56 -2.13 -23.14
N GLY A 45 -7.99 -3.28 -22.79
CA GLY A 45 -8.75 -4.36 -22.18
C GLY A 45 -9.41 -5.30 -23.16
N LEU A 46 -9.21 -5.11 -24.45
CA LEU A 46 -9.92 -5.88 -25.47
C LEU A 46 -9.13 -7.12 -25.90
N CYS A 47 -8.75 -7.92 -24.91
CA CYS A 47 -8.11 -9.21 -25.13
C CYS A 47 -8.61 -10.17 -24.05
N CYS A 48 -8.83 -11.41 -24.45
CA CYS A 48 -9.25 -12.48 -23.54
C CYS A 48 -8.49 -13.75 -23.85
N ARG A 49 -7.97 -14.36 -22.79
CA ARG A 49 -7.28 -15.65 -22.83
C ARG A 49 -7.90 -16.61 -21.82
N HIS A 50 -9.20 -16.48 -21.57
CA HIS A 50 -9.86 -17.30 -20.55
C HIS A 50 -10.20 -18.71 -21.04
N CYS A 51 -9.93 -19.08 -22.29
CA CYS A 51 -10.03 -20.48 -22.68
C CYS A 51 -9.06 -20.75 -23.82
N LEU A 52 -8.95 -22.03 -24.19
CA LEU A 52 -7.99 -22.46 -25.20
C LEU A 52 -8.49 -22.28 -26.62
N GLN A 53 -9.67 -21.70 -26.82
CA GLN A 53 -10.05 -21.20 -28.13
C GLN A 53 -9.38 -19.87 -28.42
N GLY A 54 -8.92 -19.17 -27.39
CA GLY A 54 -8.25 -17.90 -27.55
C GLY A 54 -6.83 -18.09 -28.03
N PRO A 55 -6.07 -17.00 -28.07
CA PRO A 55 -6.45 -15.67 -27.60
C PRO A 55 -7.47 -15.00 -28.51
N CYS A 56 -8.42 -14.32 -27.88
CA CYS A 56 -9.37 -13.48 -28.58
C CYS A 56 -9.06 -12.01 -28.34
N ARG A 57 -9.39 -11.20 -29.32
CA ARG A 57 -9.26 -9.75 -29.23
C ARG A 57 -10.42 -9.12 -29.97
N ILE A 58 -10.64 -7.84 -29.66
CA ILE A 58 -11.64 -7.03 -30.34
C ILE A 58 -10.98 -5.73 -30.75
N ASN A 59 -11.13 -5.34 -32.00
CA ASN A 59 -10.58 -4.06 -32.43
C ASN A 59 -11.31 -2.95 -31.69
N PRO A 60 -10.59 -2.02 -31.05
CA PRO A 60 -11.31 -0.88 -30.44
C PRO A 60 -12.22 -0.18 -31.42
N PHE A 61 -11.75 0.01 -32.66
CA PHE A 61 -12.53 0.63 -33.72
C PHE A 61 -12.23 -0.07 -35.03
N GLY A 62 -13.22 -0.05 -35.92
CA GLY A 62 -13.04 -0.56 -37.27
C GLY A 62 -13.88 -1.78 -37.54
N ASP A 63 -13.28 -2.78 -38.15
CA ASP A 63 -13.96 -3.98 -38.59
C ASP A 63 -13.62 -5.17 -37.68
N GLU A 64 -13.89 -6.37 -38.16
CA GLU A 64 -13.75 -7.54 -37.31
CA GLU A 64 -13.75 -7.54 -37.32
C GLU A 64 -12.27 -7.80 -37.00
N PRO A 65 -11.95 -8.41 -35.86
CA PRO A 65 -12.92 -8.98 -34.91
C PRO A 65 -13.66 -7.95 -34.06
N LYS A 66 -14.96 -8.21 -33.88
CA LYS A 66 -15.85 -7.38 -33.09
C LYS A 66 -16.34 -8.06 -31.82
N VAL A 67 -16.15 -9.36 -31.68
CA VAL A 67 -16.71 -10.15 -30.59
CA VAL A 67 -16.72 -10.16 -30.60
C VAL A 67 -15.80 -11.35 -30.39
N GLY A 68 -15.75 -11.85 -29.15
CA GLY A 68 -14.96 -13.04 -28.89
C GLY A 68 -15.55 -14.28 -29.53
N ILE A 69 -14.74 -15.33 -29.60
CA ILE A 69 -15.15 -16.53 -30.31
C ILE A 69 -16.41 -17.13 -29.69
N CYS A 70 -16.51 -17.17 -28.36
CA CYS A 70 -17.68 -17.70 -27.68
C CYS A 70 -18.88 -16.76 -27.71
N GLY A 71 -18.71 -15.55 -28.27
CA GLY A 71 -19.74 -14.53 -28.22
C GLY A 71 -19.52 -13.45 -27.18
N ALA A 72 -18.45 -13.52 -26.41
CA ALA A 72 -18.22 -12.50 -25.39
C ALA A 72 -18.02 -11.14 -26.01
N THR A 73 -18.80 -10.17 -25.55
CA THR A 73 -18.71 -8.81 -26.07
C THR A 73 -17.55 -8.06 -25.44
N ALA A 74 -17.26 -6.87 -25.98
CA ALA A 74 -16.24 -6.02 -25.38
C ALA A 74 -16.55 -5.72 -23.93
N GLU A 75 -17.80 -5.46 -23.62
CA GLU A 75 -18.08 -5.09 -22.24
CA GLU A 75 -18.22 -5.14 -22.26
C GLU A 75 -17.92 -6.28 -21.31
N VAL A 76 -18.23 -7.50 -21.74
CA VAL A 76 -17.98 -8.68 -20.93
C VAL A 76 -16.48 -8.91 -20.77
N ILE A 77 -15.73 -8.86 -21.87
CA ILE A 77 -14.29 -9.13 -21.80
C ILE A 77 -13.61 -8.13 -20.86
N VAL A 78 -13.95 -6.84 -21.01
CA VAL A 78 -13.34 -5.81 -20.18
C VAL A 78 -13.68 -6.03 -18.70
N ALA A 79 -14.95 -6.28 -18.40
CA ALA A 79 -15.37 -6.46 -17.03
C ALA A 79 -14.76 -7.72 -16.42
N ARG A 80 -14.65 -8.81 -17.18
CA ARG A 80 -14.06 -10.02 -16.64
C ARG A 80 -12.58 -9.83 -16.31
N GLY A 81 -11.83 -9.16 -17.18
CA GLY A 81 -10.43 -8.92 -16.89
C GLY A 81 -10.25 -8.05 -15.66
N LEU A 82 -11.07 -7.00 -15.53
CA LEU A 82 -10.99 -6.13 -14.37
C LEU A 82 -11.32 -6.91 -13.10
N ASP A 83 -12.35 -7.75 -13.14
CA ASP A 83 -12.71 -8.52 -11.95
C ASP A 83 -11.57 -9.42 -11.52
N ARG A 84 -10.88 -10.10 -12.47
CA ARG A 84 -9.77 -10.95 -12.10
C ARG A 84 -8.64 -10.13 -11.46
N SER A 85 -8.42 -8.90 -11.91
CA SER A 85 -7.40 -8.07 -11.27
CA SER A 85 -7.42 -8.04 -11.28
CA SER A 85 -7.42 -8.04 -11.28
C SER A 85 -7.80 -7.73 -9.83
N ILE A 86 -9.06 -7.45 -9.58
CA ILE A 86 -9.54 -7.18 -8.22
C ILE A 86 -9.34 -8.41 -7.34
N ALA A 87 -9.70 -9.58 -7.86
CA ALA A 87 -9.54 -10.81 -7.09
C ALA A 87 -8.08 -11.08 -6.77
N ALA A 88 -7.18 -10.84 -7.73
CA ALA A 88 -5.75 -11.01 -7.48
C ALA A 88 -5.24 -10.07 -6.40
N GLY A 89 -5.69 -8.82 -6.43
CA GLY A 89 -5.31 -7.89 -5.37
C GLY A 89 -5.82 -8.35 -4.01
N ALA A 90 -7.09 -8.75 -3.96
CA ALA A 90 -7.67 -9.27 -2.73
C ALA A 90 -6.88 -10.47 -2.22
N ALA A 91 -6.42 -11.31 -3.13
CA ALA A 91 -5.66 -12.50 -2.76
C ALA A 91 -4.32 -12.15 -2.11
N GLY A 92 -3.63 -11.14 -2.65
N GLY A 92 -3.72 -11.03 -2.52
CA GLY A 92 -2.38 -10.73 -2.04
CA GLY A 92 -2.50 -10.57 -1.91
C GLY A 92 -2.61 -10.20 -0.64
C GLY A 92 -2.69 -9.97 -0.53
N HIS A 93 -3.73 -9.52 -0.43
N HIS A 93 -3.52 -8.92 -0.44
CA HIS A 93 -4.10 -9.10 0.91
CA HIS A 93 -3.72 -8.28 0.86
C HIS A 93 -4.60 -10.26 1.75
C HIS A 93 -4.22 -9.28 1.90
N SER A 94 -5.29 -11.24 1.13
N SER A 94 -5.19 -10.11 1.52
CA SER A 94 -5.67 -12.46 1.84
CA SER A 94 -5.72 -11.05 2.50
C SER A 94 -4.43 -13.17 2.39
C SER A 94 -4.79 -12.19 2.81
N GLY A 95 -3.44 -13.38 1.54
N GLY A 95 -3.93 -12.61 1.87
CA GLY A 95 -2.21 -13.99 2.00
CA GLY A 95 -2.95 -13.64 2.19
C GLY A 95 -1.59 -13.24 3.16
C GLY A 95 -1.94 -13.15 3.21
N HIS A 96 -1.48 -11.91 3.04
CA HIS A 96 -0.78 -11.15 4.06
C HIS A 96 -1.51 -11.22 5.40
N ALA A 97 -2.81 -10.94 5.40
CA ALA A 97 -3.57 -10.93 6.64
C ALA A 97 -3.64 -12.32 7.26
N LYS A 98 -3.87 -13.33 6.43
CA LYS A 98 -3.94 -14.69 6.91
C LYS A 98 -2.63 -15.11 7.58
N HIS A 99 -1.50 -14.73 6.99
CA HIS A 99 -0.23 -15.05 7.61
CA HIS A 99 -0.20 -14.99 7.59
C HIS A 99 -0.11 -14.41 8.99
N LEU A 100 -0.52 -13.14 9.13
N LEU A 100 -0.53 -13.14 9.16
CA LEU A 100 -0.53 -12.53 10.46
CA LEU A 100 -0.50 -12.51 10.49
C LEU A 100 -1.46 -13.24 11.45
C LEU A 100 -1.54 -13.09 11.46
N ALA A 101 -2.64 -13.65 10.98
CA ALA A 101 -3.57 -14.33 11.88
C ALA A 101 -2.96 -15.62 12.40
N HIS A 102 -2.33 -16.40 11.51
CA HIS A 102 -1.66 -17.62 11.94
C HIS A 102 -0.50 -17.31 12.89
N THR A 103 0.21 -16.20 12.67
CA THR A 103 1.31 -15.84 13.56
C THR A 103 0.78 -15.50 14.96
N LEU A 104 -0.28 -14.70 15.05
CA LEU A 104 -0.83 -14.37 16.35
C LEU A 104 -1.32 -15.62 17.07
N LYS A 105 -2.00 -16.52 16.35
CA LYS A 105 -2.48 -17.75 16.95
C LYS A 105 -1.32 -18.56 17.51
N LYS A 106 -0.27 -18.74 16.71
CA LYS A 106 0.89 -19.48 17.18
C LYS A 106 1.51 -18.82 18.40
N ALA A 107 1.63 -17.49 18.38
CA ALA A 107 2.26 -16.77 19.48
C ALA A 107 1.54 -17.05 20.80
N VAL A 108 0.21 -16.94 20.80
CA VAL A 108 -0.53 -17.11 22.06
C VAL A 108 -0.75 -18.57 22.43
N GLN A 109 -0.44 -19.50 21.52
CA GLN A 109 -0.46 -20.92 21.85
C GLN A 109 0.90 -21.42 22.32
N GLY A 110 1.89 -20.55 22.44
CA GLY A 110 3.20 -20.96 22.90
C GLY A 110 4.09 -21.57 21.84
N LYS A 111 3.74 -21.41 20.57
CA LYS A 111 4.47 -22.04 19.47
C LYS A 111 5.43 -21.09 18.76
N ALA A 112 5.46 -19.81 19.14
CA ALA A 112 6.30 -18.83 18.44
C ALA A 112 6.64 -17.71 19.42
N ALA A 113 7.61 -17.97 20.30
CA ALA A 113 7.90 -17.07 21.41
C ALA A 113 8.58 -15.79 20.99
N SER A 114 9.03 -15.67 19.73
CA SER A 114 9.55 -14.39 19.25
C SER A 114 8.45 -13.36 19.01
N TYR A 115 7.18 -13.77 19.08
CA TYR A 115 6.03 -12.92 18.87
C TYR A 115 5.19 -12.88 20.13
N MET A 116 4.44 -11.79 20.29
CA MET A 116 3.67 -11.58 21.50
C MET A 116 2.60 -10.53 21.23
N ILE A 117 1.75 -10.33 22.24
CA ILE A 117 0.80 -9.22 22.25
C ILE A 117 1.58 -7.98 22.69
N LYS A 118 1.94 -7.12 21.74
CA LYS A 118 2.65 -5.90 22.10
C LYS A 118 1.70 -4.75 22.40
N ASP A 119 0.55 -4.70 21.73
CA ASP A 119 -0.40 -3.60 21.92
C ASP A 119 -1.68 -4.20 22.51
N ARG A 120 -1.72 -4.24 23.85
CA ARG A 120 -2.88 -4.80 24.53
C ARG A 120 -4.11 -3.94 24.33
N THR A 121 -3.93 -2.62 24.28
CA THR A 121 -5.05 -1.72 24.03
C THR A 121 -5.70 -2.02 22.70
N LYS A 122 -4.90 -2.20 21.66
CA LYS A 122 -5.46 -2.53 20.34
C LYS A 122 -6.19 -3.87 20.39
N LEU A 123 -5.60 -4.86 21.05
CA LEU A 123 -6.26 -6.17 21.13
C LEU A 123 -7.65 -6.05 21.75
N HIS A 124 -7.76 -5.36 22.88
CA HIS A 124 -9.04 -5.25 23.56
C HIS A 124 -10.03 -4.43 22.74
N SER A 125 -9.56 -3.39 22.04
CA SER A 125 -10.47 -2.59 21.22
CA SER A 125 -10.44 -2.59 21.21
CA SER A 125 -10.45 -2.59 21.20
C SER A 125 -10.99 -3.40 20.04
N ILE A 126 -10.14 -4.19 19.40
CA ILE A 126 -10.59 -5.04 18.30
C ILE A 126 -11.59 -6.07 18.80
N ALA A 127 -11.29 -6.70 19.95
CA ALA A 127 -12.21 -7.68 20.51
C ALA A 127 -13.58 -7.04 20.73
N LYS A 128 -13.60 -5.84 21.32
CA LYS A 128 -14.88 -5.17 21.55
C LYS A 128 -15.61 -4.89 20.24
N ARG A 129 -14.86 -4.45 19.24
CA ARG A 129 -15.47 -4.20 17.92
C ARG A 129 -16.13 -5.42 17.32
N LEU A 130 -15.47 -6.58 17.49
CA LEU A 130 -15.97 -7.81 16.92
C LEU A 130 -17.07 -8.46 17.75
N GLY A 131 -17.28 -7.99 18.98
CA GLY A 131 -18.22 -8.61 19.88
C GLY A 131 -17.65 -9.72 20.74
N ILE A 132 -16.33 -9.83 20.82
CA ILE A 132 -15.68 -10.89 21.60
C ILE A 132 -15.56 -10.42 23.04
N PRO A 133 -16.03 -11.19 24.02
CA PRO A 133 -15.97 -10.73 25.41
C PRO A 133 -14.55 -10.69 25.93
N THR A 134 -14.27 -9.70 26.78
CA THR A 134 -12.97 -9.51 27.40
C THR A 134 -12.99 -9.61 28.92
N GLU A 135 -14.09 -9.23 29.56
CA GLU A 135 -14.11 -9.22 31.02
C GLU A 135 -13.87 -10.62 31.57
N GLY A 136 -12.88 -10.74 32.46
N GLY A 136 -12.87 -10.73 32.45
CA GLY A 136 -12.58 -12.01 33.06
CA GLY A 136 -12.54 -11.99 33.08
C GLY A 136 -11.90 -13.02 32.15
C GLY A 136 -11.65 -12.92 32.27
N GLN A 137 -11.34 -12.57 31.03
CA GLN A 137 -10.62 -13.44 30.12
C GLN A 137 -9.12 -13.13 30.12
N LYS A 138 -8.31 -14.19 29.96
CA LYS A 138 -6.88 -14.01 29.77
C LYS A 138 -6.63 -13.34 28.43
N ASP A 139 -5.62 -12.46 28.38
CA ASP A 139 -5.27 -11.81 27.11
C ASP A 139 -5.01 -12.83 26.01
N GLU A 140 -4.30 -13.92 26.35
CA GLU A 140 -3.99 -14.93 25.34
C GLU A 140 -5.25 -15.58 24.79
N ASP A 141 -6.28 -15.71 25.61
CA ASP A 141 -7.54 -16.29 25.15
C ASP A 141 -8.32 -15.30 24.29
N ILE A 142 -8.33 -14.02 24.68
CA ILE A 142 -8.93 -12.99 23.83
C ILE A 142 -8.26 -12.98 22.47
N ALA A 143 -6.92 -13.00 22.46
CA ALA A 143 -6.18 -12.98 21.20
C ALA A 143 -6.45 -14.23 20.38
N LEU A 144 -6.58 -15.38 21.03
CA LEU A 144 -6.92 -16.58 20.28
C LEU A 144 -8.27 -16.44 19.60
N GLU A 145 -9.25 -15.86 20.31
CA GLU A 145 -10.56 -15.66 19.68
C GLU A 145 -10.49 -14.64 18.56
N VAL A 146 -9.68 -13.59 18.71
CA VAL A 146 -9.52 -12.64 17.61
C VAL A 146 -8.90 -13.32 16.40
N ALA A 147 -7.85 -14.14 16.61
CA ALA A 147 -7.22 -14.83 15.48
C ALA A 147 -8.19 -15.81 14.83
N LYS A 148 -8.97 -16.52 15.63
CA LYS A 148 -9.96 -17.44 15.06
CA LYS A 148 -9.96 -17.45 15.07
C LYS A 148 -11.01 -16.69 14.27
N ALA A 149 -11.46 -15.53 14.76
CA ALA A 149 -12.42 -14.72 14.01
C ALA A 149 -11.82 -14.26 12.70
N ALA A 150 -10.56 -13.83 12.72
CA ALA A 150 -9.90 -13.42 11.50
C ALA A 150 -9.90 -14.55 10.48
N LEU A 151 -9.47 -15.75 10.89
CA LEU A 151 -9.45 -16.87 9.96
C LEU A 151 -10.85 -17.24 9.49
N ALA A 152 -11.87 -17.09 10.34
CA ALA A 152 -13.22 -17.45 9.95
C ALA A 152 -13.75 -16.54 8.84
N ASP A 153 -13.30 -15.30 8.75
CA ASP A 153 -13.76 -14.37 7.73
C ASP A 153 -13.30 -14.78 6.31
N PHE A 154 -12.43 -15.77 6.19
CA PHE A 154 -12.00 -16.22 4.86
C PHE A 154 -13.00 -17.13 4.16
N HIS A 155 -13.98 -17.68 4.89
CA HIS A 155 -14.92 -18.64 4.35
C HIS A 155 -16.34 -18.29 4.77
N GLU A 156 -17.31 -18.91 4.10
CA GLU A 156 -18.70 -18.73 4.50
C GLU A 156 -18.94 -19.23 5.93
N LYS A 157 -19.88 -18.57 6.60
CA LYS A 157 -20.30 -18.92 7.96
C LYS A 157 -21.64 -18.23 8.20
N ASP A 158 -22.10 -18.22 9.45
CA ASP A 158 -23.42 -17.67 9.76
CA ASP A 158 -23.43 -17.67 9.72
C ASP A 158 -23.44 -16.15 9.81
N THR A 159 -22.29 -15.50 9.70
CA THR A 159 -22.18 -14.06 9.62
C THR A 159 -21.42 -13.71 8.35
N PRO A 160 -21.63 -12.50 7.82
CA PRO A 160 -20.78 -12.03 6.72
C PRO A 160 -19.39 -11.72 7.22
N VAL A 161 -18.56 -11.17 6.34
CA VAL A 161 -17.19 -10.80 6.71
C VAL A 161 -17.23 -9.65 7.71
N LEU A 162 -16.85 -9.93 8.95
CA LEU A 162 -16.91 -8.95 10.03
C LEU A 162 -15.88 -7.83 9.86
N TRP A 163 -14.77 -8.11 9.18
CA TRP A 163 -13.81 -7.05 8.87
C TRP A 163 -14.30 -6.15 7.72
N VAL A 164 -15.55 -6.33 7.26
CA VAL A 164 -16.30 -5.28 6.55
C VAL A 164 -17.40 -4.71 7.44
N THR A 165 -18.29 -5.56 7.96
CA THR A 165 -19.52 -5.08 8.56
C THR A 165 -19.28 -4.38 9.89
N THR A 166 -18.18 -4.67 10.60
CA THR A 166 -17.91 -4.00 11.86
C THR A 166 -17.00 -2.79 11.73
N VAL A 167 -16.56 -2.45 10.52
CA VAL A 167 -15.63 -1.33 10.33
C VAL A 167 -16.22 -0.18 9.55
N LEU A 168 -17.39 -0.34 8.97
CA LEU A 168 -18.08 0.72 8.29
C LEU A 168 -19.35 1.04 9.06
N PRO A 169 -19.86 2.27 8.96
CA PRO A 169 -21.04 2.61 9.73
C PRO A 169 -22.25 1.83 9.26
N PRO A 170 -23.21 1.54 10.15
CA PRO A 170 -24.41 0.81 9.73
C PRO A 170 -25.10 1.36 8.49
N SER A 171 -25.17 2.68 8.32
CA SER A 171 -25.87 3.20 7.14
C SER A 171 -25.15 2.81 5.85
N ARG A 172 -23.83 2.78 5.87
CA ARG A 172 -23.05 2.34 4.70
C ARG A 172 -23.24 0.84 4.47
N VAL A 173 -23.21 0.05 5.55
CA VAL A 173 -23.43 -1.38 5.39
C VAL A 173 -24.81 -1.64 4.79
N LYS A 174 -25.79 -0.82 5.17
CA LYS A 174 -27.14 -1.01 4.63
C LYS A 174 -27.20 -0.72 3.14
N VAL A 175 -26.55 0.36 2.68
CA VAL A 175 -26.50 0.66 1.26
C VAL A 175 -25.87 -0.51 0.51
N LEU A 176 -24.76 -1.03 1.03
CA LEU A 176 -24.04 -2.09 0.33
C LEU A 176 -24.85 -3.39 0.34
N SER A 177 -25.47 -3.71 1.47
CA SER A 177 -26.30 -4.90 1.56
CA SER A 177 -26.28 -4.91 1.55
C SER A 177 -27.46 -4.86 0.58
N ALA A 178 -28.06 -3.68 0.41
CA ALA A 178 -29.20 -3.55 -0.49
C ALA A 178 -28.81 -3.93 -1.92
N HIS A 179 -27.55 -3.75 -2.28
CA HIS A 179 -27.05 -4.11 -3.59
C HIS A 179 -26.35 -5.46 -3.61
N GLY A 180 -26.42 -6.20 -2.51
CA GLY A 180 -25.80 -7.51 -2.45
C GLY A 180 -24.30 -7.49 -2.43
N LEU A 181 -23.70 -6.42 -1.92
CA LEU A 181 -22.26 -6.21 -2.06
C LEU A 181 -21.45 -6.63 -0.83
N ILE A 182 -22.06 -7.06 0.25
CA ILE A 182 -21.29 -7.47 1.43
C ILE A 182 -20.67 -8.84 1.17
N PRO A 183 -19.35 -9.00 1.32
CA PRO A 183 -18.73 -10.30 1.05
C PRO A 183 -19.17 -11.35 2.06
N ALA A 184 -19.29 -12.60 1.58
CA ALA A 184 -19.63 -13.72 2.44
C ALA A 184 -18.42 -14.35 3.10
N GLY A 185 -17.25 -14.26 2.45
CA GLY A 185 -16.01 -14.80 2.94
C GLY A 185 -14.93 -14.30 2.01
N ILE A 186 -13.72 -14.04 2.51
CA ILE A 186 -12.70 -13.42 1.67
C ILE A 186 -12.29 -14.35 0.53
N ASP A 187 -11.84 -15.56 0.86
CA ASP A 187 -11.40 -16.48 -0.19
C ASP A 187 -12.60 -17.00 -0.99
N HIS A 188 -13.77 -17.05 -0.37
CA HIS A 188 -14.99 -17.39 -1.10
C HIS A 188 -15.24 -16.43 -2.25
N GLU A 189 -15.11 -15.12 -1.99
CA GLU A 189 -15.36 -14.15 -3.05
C GLU A 189 -14.29 -14.23 -4.13
N ILE A 190 -13.02 -14.42 -3.75
CA ILE A 190 -11.95 -14.55 -4.74
C ILE A 190 -12.26 -15.71 -5.67
N ALA A 191 -12.65 -16.85 -5.10
CA ALA A 191 -12.97 -18.02 -5.93
C ALA A 191 -14.19 -17.74 -6.79
N GLU A 192 -15.23 -17.12 -6.24
CA GLU A 192 -16.42 -16.82 -7.04
C GLU A 192 -16.10 -15.89 -8.21
N ILE A 193 -15.20 -14.94 -8.02
CA ILE A 193 -14.78 -14.11 -9.16
C ILE A 193 -14.15 -14.99 -10.24
N MET A 194 -13.21 -15.87 -9.84
CA MET A 194 -12.52 -16.69 -10.82
C MET A 194 -13.48 -17.61 -11.56
N HIS A 195 -14.49 -18.11 -10.84
CA HIS A 195 -15.56 -18.90 -11.44
C HIS A 195 -16.38 -18.07 -12.42
N ARG A 196 -16.96 -16.96 -11.95
CA ARG A 196 -17.91 -16.23 -12.78
C ARG A 196 -17.27 -15.65 -14.02
N THR A 197 -15.96 -15.40 -13.98
CA THR A 197 -15.24 -14.82 -15.11
C THR A 197 -14.63 -15.88 -16.03
N SER A 198 -14.74 -17.15 -15.69
CA SER A 198 -14.30 -18.23 -16.56
C SER A 198 -15.28 -18.36 -17.73
N MET A 199 -14.87 -19.13 -18.73
CA MET A 199 -15.63 -19.16 -19.97
CA MET A 199 -15.63 -19.15 -19.97
C MET A 199 -17.06 -19.66 -19.75
N GLY A 200 -18.00 -18.98 -20.38
CA GLY A 200 -19.37 -19.45 -20.40
C GLY A 200 -20.12 -19.29 -19.10
N CYS A 201 -19.73 -18.29 -18.31
CA CYS A 201 -20.37 -17.99 -17.03
CA CYS A 201 -20.37 -17.99 -17.03
C CYS A 201 -20.98 -16.59 -17.13
N ASP A 202 -20.63 -15.68 -16.22
CA ASP A 202 -21.26 -14.36 -16.18
C ASP A 202 -20.89 -13.56 -17.43
N ALA A 203 -21.89 -12.96 -18.04
CA ALA A 203 -21.77 -12.28 -19.33
C ALA A 203 -22.75 -11.10 -19.37
N ASP A 204 -22.76 -10.33 -18.29
CA ASP A 204 -23.53 -9.09 -18.18
C ASP A 204 -22.62 -8.12 -17.44
N ALA A 205 -22.31 -6.98 -18.07
CA ALA A 205 -21.29 -6.09 -17.53
C ALA A 205 -21.68 -5.58 -16.13
N GLN A 206 -22.92 -5.12 -15.94
N GLN A 206 -22.95 -5.23 -15.95
CA GLN A 206 -23.30 -4.63 -14.63
CA GLN A 206 -23.39 -4.68 -14.68
C GLN A 206 -23.20 -5.74 -13.58
C GLN A 206 -23.25 -5.73 -13.59
N ASN A 207 -23.66 -6.95 -13.90
CA ASN A 207 -23.57 -8.05 -12.93
C ASN A 207 -22.12 -8.36 -12.59
N LEU A 208 -21.26 -8.42 -13.62
CA LEU A 208 -19.85 -8.69 -13.38
C LEU A 208 -19.25 -7.63 -12.48
N LEU A 209 -19.57 -6.36 -12.74
CA LEU A 209 -18.95 -5.28 -11.96
C LEU A 209 -19.47 -5.25 -10.54
N LEU A 210 -20.74 -5.57 -10.31
CA LEU A 210 -21.21 -5.71 -8.93
C LEU A 210 -20.40 -6.77 -8.19
N GLY A 211 -20.15 -7.90 -8.86
CA GLY A 211 -19.28 -8.90 -8.25
C GLY A 211 -17.92 -8.33 -7.90
N GLY A 212 -17.36 -7.53 -8.80
CA GLY A 212 -16.08 -6.90 -8.54
C GLY A 212 -16.10 -5.96 -7.35
N LEU A 213 -17.18 -5.17 -7.21
CA LEU A 213 -17.28 -4.30 -6.04
C LEU A 213 -17.29 -5.13 -4.76
N ARG A 214 -18.05 -6.22 -4.75
CA ARG A 214 -18.09 -7.08 -3.58
C ARG A 214 -16.71 -7.69 -3.29
N CYS A 215 -16.01 -8.14 -4.32
CA CYS A 215 -14.67 -8.67 -4.09
C CYS A 215 -13.72 -7.58 -3.60
N SER A 216 -13.92 -6.34 -4.04
CA SER A 216 -13.07 -5.26 -3.53
C SER A 216 -13.28 -5.07 -2.03
N LEU A 217 -14.49 -5.31 -1.53
CA LEU A 217 -14.70 -5.25 -0.09
C LEU A 217 -14.03 -6.41 0.64
N ALA A 218 -13.91 -7.58 -0.02
CA ALA A 218 -13.07 -8.63 0.56
C ALA A 218 -11.62 -8.18 0.64
N ASP A 219 -11.16 -7.40 -0.35
CA ASP A 219 -9.83 -6.80 -0.26
C ASP A 219 -9.73 -5.83 0.92
N LEU A 220 -10.74 -4.96 1.09
CA LEU A 220 -10.73 -4.04 2.23
C LEU A 220 -10.64 -4.80 3.54
N ALA A 221 -11.40 -5.89 3.66
CA ALA A 221 -11.36 -6.68 4.88
C ALA A 221 -9.96 -7.22 5.13
N GLY A 222 -9.29 -7.71 4.09
CA GLY A 222 -7.92 -8.18 4.24
C GLY A 222 -6.97 -7.07 4.65
N CYS A 223 -7.13 -5.88 4.07
CA CYS A 223 -6.30 -4.74 4.47
C CYS A 223 -6.52 -4.41 5.95
N TYR A 224 -7.78 -4.30 6.35
CA TYR A 224 -8.10 -3.91 7.73
C TYR A 224 -7.64 -4.97 8.72
N MET A 225 -7.85 -6.24 8.38
CA MET A 225 -7.35 -7.33 9.19
C MET A 225 -5.81 -7.28 9.31
N GLY A 226 -5.13 -6.99 8.21
CA GLY A 226 -3.68 -6.92 8.25
C GLY A 226 -3.19 -5.83 9.18
N THR A 227 -3.79 -4.64 9.09
CA THR A 227 -3.41 -3.55 9.98
C THR A 227 -3.71 -3.90 11.43
N ASP A 228 -4.92 -4.40 11.70
CA ASP A 228 -5.31 -4.75 13.07
C ASP A 228 -4.31 -5.73 13.68
N LEU A 229 -4.01 -6.82 12.97
CA LEU A 229 -3.18 -7.87 13.55
C LEU A 229 -1.73 -7.41 13.68
N ALA A 230 -1.22 -6.67 12.70
CA ALA A 230 0.13 -6.13 12.81
C ALA A 230 0.25 -5.16 13.97
N ASP A 231 -0.79 -4.36 14.22
CA ASP A 231 -0.74 -3.45 15.38
C ASP A 231 -0.71 -4.24 16.68
N ILE A 232 -1.53 -5.30 16.79
CA ILE A 232 -1.49 -6.13 18.00
C ILE A 232 -0.09 -6.67 18.22
N LEU A 233 0.48 -7.27 17.18
CA LEU A 233 1.74 -8.00 17.31
C LEU A 233 2.95 -7.07 17.44
N PHE A 234 2.91 -5.91 16.79
CA PHE A 234 4.11 -5.10 16.64
C PHE A 234 3.99 -3.68 17.18
N GLY A 235 2.79 -3.24 17.55
CA GLY A 235 2.54 -1.94 18.16
C GLY A 235 1.85 -1.00 17.19
N THR A 236 0.87 -0.26 17.69
CA THR A 236 0.19 0.73 16.85
C THR A 236 1.12 1.93 16.65
N PRO A 237 1.33 2.40 15.41
CA PRO A 237 2.26 3.52 15.22
C PRO A 237 1.84 4.79 15.94
N ALA A 238 2.85 5.57 16.30
CA ALA A 238 2.71 6.92 16.83
C ALA A 238 3.77 7.80 16.17
N PRO A 239 3.67 9.12 16.27
CA PRO A 239 4.58 9.97 15.50
C PRO A 239 6.04 9.66 15.77
N VAL A 240 6.81 9.60 14.70
CA VAL A 240 8.23 9.21 14.75
C VAL A 240 8.96 10.00 13.68
N VAL A 241 10.24 10.26 13.92
CA VAL A 241 11.08 11.05 13.01
CA VAL A 241 11.07 11.05 13.01
C VAL A 241 12.18 10.16 12.46
N THR A 242 12.36 10.20 11.15
CA THR A 242 13.42 9.43 10.49
C THR A 242 13.82 10.14 9.20
N GLU A 243 14.34 9.39 8.24
CA GLU A 243 14.86 9.94 7.00
C GLU A 243 14.48 9.01 5.85
N SER A 244 14.59 9.52 4.63
CA SER A 244 14.32 8.70 3.45
C SER A 244 15.27 9.06 2.32
N ASN A 245 15.35 8.13 1.37
CA ASN A 245 16.10 8.17 0.10
C ASN A 245 17.46 7.49 0.24
N LEU A 246 18.18 7.35 -0.87
CA LEU A 246 19.31 6.42 -0.91
C LEU A 246 20.43 6.84 0.02
N GLY A 247 20.51 8.13 0.38
CA GLY A 247 21.52 8.61 1.30
C GLY A 247 21.43 8.05 2.70
N VAL A 248 20.37 7.28 3.01
CA VAL A 248 20.29 6.59 4.29
C VAL A 248 21.18 5.36 4.35
N LEU A 249 21.67 4.88 3.20
CA LEU A 249 22.68 3.83 3.19
C LEU A 249 24.00 4.39 3.70
N LYS A 250 24.84 3.59 4.30
CA LYS A 250 26.11 3.97 4.95
C LYS A 250 27.19 3.05 4.45
N ALA A 251 28.20 3.55 3.80
CA ALA A 251 29.25 2.70 3.25
C ALA A 251 29.92 1.86 4.32
N ASP A 252 29.99 2.37 5.55
N ASP A 252 30.08 2.41 5.53
CA ASP A 252 30.74 1.75 6.68
CA ASP A 252 30.77 1.71 6.62
C ASP A 252 29.93 0.68 7.41
C ASP A 252 29.96 0.63 7.35
N ALA A 253 28.65 0.52 7.09
CA ALA A 253 27.78 -0.40 7.78
C ALA A 253 27.40 -1.56 6.86
N VAL A 254 26.90 -2.63 7.47
CA VAL A 254 26.21 -3.69 6.72
C VAL A 254 24.82 -3.15 6.39
N ASN A 255 24.57 -2.87 5.11
CA ASN A 255 23.28 -2.32 4.70
C ASN A 255 22.35 -3.45 4.29
N VAL A 256 21.23 -3.56 4.98
CA VAL A 256 20.27 -4.64 4.80
C VAL A 256 18.92 -4.00 4.49
N ALA A 257 18.40 -4.25 3.29
CA ALA A 257 17.07 -3.77 2.95
C ALA A 257 16.04 -4.85 3.29
N VAL A 258 14.97 -4.45 3.95
CA VAL A 258 13.76 -5.28 4.06
C VAL A 258 12.80 -4.81 2.98
N HIS A 259 12.32 -5.75 2.18
CA HIS A 259 11.56 -5.46 0.96
C HIS A 259 10.45 -6.49 0.83
N GLY A 260 9.29 -6.05 0.34
N GLY A 260 9.30 -6.02 0.33
CA GLY A 260 8.10 -6.88 0.35
CA GLY A 260 8.08 -6.80 0.31
C GLY A 260 7.07 -6.27 1.25
C GLY A 260 6.95 -6.05 1.02
N HIS A 261 6.44 -7.10 2.10
N HIS A 261 6.14 -6.82 1.75
CA HIS A 261 5.19 -6.69 2.72
CA HIS A 261 4.92 -6.25 2.37
C HIS A 261 4.92 -6.99 4.17
C HIS A 261 4.72 -6.78 3.79
N ASN A 262 5.34 -8.15 4.70
N ASN A 262 4.82 -8.07 3.93
CA ASN A 262 4.78 -8.58 5.96
CA ASN A 262 4.51 -8.63 5.24
C ASN A 262 5.67 -8.26 7.13
C ASN A 262 5.72 -8.50 6.15
N PRO A 263 5.20 -7.50 8.12
N PRO A 263 5.65 -7.70 7.19
CA PRO A 263 6.04 -7.23 9.30
CA PRO A 263 6.85 -7.48 8.00
C PRO A 263 6.36 -8.47 10.12
C PRO A 263 7.10 -8.53 9.05
N VAL A 264 5.66 -9.60 9.93
N VAL A 264 6.45 -9.71 8.95
CA VAL A 264 6.08 -10.84 10.59
CA VAL A 264 6.44 -10.65 10.08
C VAL A 264 7.55 -11.09 10.33
C VAL A 264 7.85 -11.04 10.49
N LEU A 265 8.04 -10.74 9.14
N LEU A 265 8.74 -11.25 9.52
CA LEU A 265 9.45 -10.87 8.80
CA LEU A 265 10.13 -11.52 9.84
C LEU A 265 10.25 -9.61 9.18
C LEU A 265 10.97 -10.25 9.89
N SER A 266 9.85 -8.45 8.64
N SER A 266 10.66 -9.26 9.07
CA SER A 266 10.71 -7.28 8.82
CA SER A 266 11.50 -8.07 8.99
C SER A 266 10.84 -6.85 10.28
C SER A 266 11.38 -7.21 10.25
N ASP A 267 9.81 -7.05 11.10
N ASP A 267 10.20 -7.15 10.88
CA ASP A 267 9.91 -6.59 12.50
CA ASP A 267 10.15 -6.58 12.22
C ASP A 267 11.00 -7.36 13.25
C ASP A 267 11.07 -7.35 13.15
N ILE A 268 11.12 -8.66 12.98
CA ILE A 268 12.13 -9.48 13.63
C ILE A 268 13.52 -9.14 13.09
N ILE A 269 13.65 -8.92 11.78
CA ILE A 269 14.96 -8.48 11.25
C ILE A 269 15.43 -7.26 12.01
N VAL A 270 14.53 -6.31 12.26
CA VAL A 270 14.92 -5.07 12.94
C VAL A 270 15.44 -5.37 14.34
N SER A 271 14.68 -6.12 15.13
CA SER A 271 15.14 -6.37 16.49
C SER A 271 16.40 -7.25 16.53
N VAL A 272 16.48 -8.28 15.72
CA VAL A 272 17.66 -9.15 15.78
C VAL A 272 18.89 -8.41 15.30
N SER A 273 18.76 -7.54 14.30
CA SER A 273 19.91 -6.78 13.80
CA SER A 273 19.91 -6.79 13.80
C SER A 273 20.59 -6.02 14.93
N LYS A 274 19.81 -5.53 15.89
CA LYS A 274 20.40 -4.78 17.00
C LYS A 274 21.23 -5.69 17.90
N GLU A 275 20.81 -6.94 18.07
CA GLU A 275 21.59 -7.86 18.91
C GLU A 275 22.89 -8.27 18.25
N MET A 276 22.88 -8.28 16.90
CA MET A 276 24.04 -8.70 16.11
CA MET A 276 24.02 -8.70 16.10
C MET A 276 25.07 -7.60 15.87
N GLU A 277 24.91 -6.41 16.49
CA GLU A 277 25.81 -5.26 16.29
C GLU A 277 27.26 -5.65 16.49
N ASN A 278 27.58 -6.32 17.59
CA ASN A 278 28.98 -6.62 17.87
C ASN A 278 29.53 -7.68 16.91
N GLU A 279 28.68 -8.61 16.47
CA GLU A 279 29.09 -9.55 15.44
C GLU A 279 29.37 -8.82 14.12
N ALA A 280 28.60 -7.78 13.82
CA ALA A 280 28.90 -6.97 12.64
C ALA A 280 30.19 -6.19 12.82
N ARG A 281 30.45 -5.69 14.03
CA ARG A 281 31.66 -4.91 14.25
C ARG A 281 32.92 -5.77 14.15
N ALA A 282 32.84 -7.03 14.58
CA ALA A 282 33.98 -7.92 14.42
C ALA A 282 34.31 -8.14 12.94
N ALA A 283 33.31 -8.00 12.07
CA ALA A 283 33.52 -8.11 10.64
C ALA A 283 34.03 -6.81 10.02
N GLY A 284 34.24 -5.77 10.82
CA GLY A 284 34.76 -4.51 10.33
C GLY A 284 33.73 -3.46 10.00
N ALA A 285 32.44 -3.72 10.27
CA ALA A 285 31.40 -2.74 10.03
C ALA A 285 31.13 -1.93 11.30
N THR A 286 30.43 -0.81 11.13
CA THR A 286 30.01 -0.04 12.30
C THR A 286 28.81 -0.68 12.98
N GLY A 287 28.10 -1.55 12.28
CA GLY A 287 26.86 -2.11 12.75
C GLY A 287 26.05 -2.57 11.56
N ILE A 288 24.83 -2.99 11.83
CA ILE A 288 23.87 -3.36 10.79
C ILE A 288 22.89 -2.20 10.62
N ASN A 289 22.81 -1.69 9.39
CA ASN A 289 21.94 -0.58 9.02
C ASN A 289 20.75 -1.16 8.23
N VAL A 290 19.64 -1.40 8.93
CA VAL A 290 18.43 -1.87 8.26
C VAL A 290 17.74 -0.69 7.61
N VAL A 291 17.36 -0.83 6.35
CA VAL A 291 16.65 0.19 5.62
C VAL A 291 15.45 -0.46 4.92
N GLY A 292 14.45 0.36 4.61
CA GLY A 292 13.20 -0.15 4.06
C GLY A 292 13.04 0.10 2.56
N ILE A 293 12.40 -0.87 1.90
CA ILE A 293 11.91 -0.69 0.55
C ILE A 293 10.44 -1.11 0.52
N CYS A 294 9.64 -0.22 -0.06
N CYS A 294 9.60 -0.35 -0.18
CA CYS A 294 8.25 -0.64 -0.30
CA CYS A 294 8.19 -0.76 -0.38
C CYS A 294 7.45 -0.82 0.98
C CYS A 294 7.47 -0.85 0.97
N CYS A 295 6.39 -1.64 0.99
N CYS A 295 6.41 -1.66 1.09
CA CYS A 295 5.49 -1.63 2.14
CA CYS A 295 5.55 -1.53 2.25
C CYS A 295 6.17 -2.10 3.42
C CYS A 295 6.09 -2.19 3.50
N THR A 296 6.89 -3.24 3.37
CA THR A 296 7.49 -3.71 4.60
CA THR A 296 7.59 -3.76 4.55
C THR A 296 8.45 -2.66 5.16
N GLY A 297 9.10 -1.89 4.30
CA GLY A 297 9.82 -0.72 4.76
C GLY A 297 8.91 0.28 5.46
N ASN A 298 7.74 0.55 4.89
CA ASN A 298 6.79 1.43 5.55
C ASN A 298 6.39 0.90 6.92
N GLU A 299 6.22 -0.43 7.05
CA GLU A 299 5.82 -0.99 8.34
C GLU A 299 6.85 -0.67 9.43
N VAL A 300 8.12 -0.89 9.12
CA VAL A 300 9.17 -0.66 10.14
C VAL A 300 9.52 0.81 10.28
N LEU A 301 9.28 1.62 9.24
CA LEU A 301 9.37 3.08 9.37
C LEU A 301 8.31 3.58 10.34
N MET A 302 7.07 3.12 10.15
CA MET A 302 5.95 3.63 10.97
C MET A 302 6.12 3.22 12.44
N ARG A 303 6.59 2.01 12.72
CA ARG A 303 6.65 1.54 14.09
C ARG A 303 7.98 1.85 14.77
N HIS A 304 9.08 1.91 14.02
CA HIS A 304 10.40 1.99 14.64
C HIS A 304 11.26 3.11 14.09
N GLY A 305 10.78 3.89 13.14
CA GLY A 305 11.63 4.91 12.55
C GLY A 305 12.76 4.38 11.71
N ILE A 306 12.66 3.16 11.21
CA ILE A 306 13.67 2.64 10.28
C ILE A 306 13.64 3.48 9.01
N PRO A 307 14.78 4.00 8.54
CA PRO A 307 14.75 4.90 7.38
C PRO A 307 14.41 4.14 6.10
N ALA A 308 13.66 4.82 5.24
CA ALA A 308 13.24 4.25 3.96
C ALA A 308 14.28 4.57 2.91
N CYS A 309 14.78 3.54 2.24
CA CYS A 309 15.77 3.68 1.19
CA CYS A 309 15.77 3.83 1.22
C CYS A 309 15.16 4.13 -0.14
N THR A 310 14.17 3.39 -0.63
CA THR A 310 13.49 3.74 -1.87
C THR A 310 12.19 2.95 -1.95
N HIS A 311 11.49 3.09 -3.08
CA HIS A 311 10.16 2.54 -3.25
C HIS A 311 9.92 2.12 -4.69
N SER A 312 9.07 1.11 -4.83
CA SER A 312 8.39 0.76 -6.07
C SER A 312 9.34 0.74 -7.26
N VAL A 313 9.05 1.56 -8.26
CA VAL A 313 9.71 1.44 -9.56
C VAL A 313 11.21 1.58 -9.47
N SER A 314 11.74 2.34 -8.51
CA SER A 314 13.17 2.59 -8.42
C SER A 314 13.93 1.62 -7.51
N GLN A 315 13.30 0.52 -7.13
CA GLN A 315 13.91 -0.39 -6.17
C GLN A 315 15.27 -0.92 -6.61
N GLU A 316 15.50 -1.11 -7.91
CA GLU A 316 16.78 -1.64 -8.35
C GLU A 316 17.93 -0.69 -8.02
N MET A 317 17.63 0.60 -7.91
CA MET A 317 18.67 1.61 -7.78
C MET A 317 19.39 1.50 -6.44
N ALA A 318 18.74 0.97 -5.40
CA ALA A 318 19.44 0.75 -4.13
C ALA A 318 20.64 -0.18 -4.33
N MET A 319 20.48 -1.18 -5.19
CA MET A 319 21.55 -2.14 -5.47
CA MET A 319 21.57 -2.12 -5.42
C MET A 319 22.67 -1.51 -6.26
N ILE A 320 22.34 -0.57 -7.15
CA ILE A 320 23.33 0.04 -8.03
C ILE A 320 24.36 0.84 -7.22
N THR A 321 24.03 1.28 -6.00
CA THR A 321 25.01 1.99 -5.19
C THR A 321 26.26 1.16 -4.96
N GLY A 322 26.15 -0.16 -4.95
CA GLY A 322 27.24 -1.03 -4.57
C GLY A 322 27.36 -1.27 -3.07
N ALA A 323 26.51 -0.62 -2.26
CA ALA A 323 26.59 -0.73 -0.80
C ALA A 323 25.49 -1.58 -0.20
N LEU A 324 24.58 -2.14 -1.00
CA LEU A 324 23.48 -2.93 -0.45
C LEU A 324 23.95 -4.36 -0.30
N ASP A 325 24.22 -4.76 0.94
CA ASP A 325 24.78 -6.06 1.22
C ASP A 325 23.76 -7.17 1.16
N ALA A 326 22.51 -6.89 1.55
CA ALA A 326 21.48 -7.90 1.45
C ALA A 326 20.14 -7.24 1.20
N MET A 327 19.27 -7.98 0.51
CA MET A 327 17.89 -7.56 0.29
C MET A 327 17.04 -8.76 0.67
N ILE A 328 16.29 -8.60 1.77
CA ILE A 328 15.56 -9.67 2.41
C ILE A 328 14.10 -9.55 2.01
N LEU A 329 13.57 -10.57 1.33
CA LEU A 329 12.29 -10.52 0.64
C LEU A 329 11.27 -11.46 1.28
N ASP A 330 10.00 -11.04 1.36
N ASP A 330 10.02 -10.99 1.27
CA ASP A 330 8.91 -12.02 1.53
CA ASP A 330 8.86 -11.77 1.64
C ASP A 330 8.17 -12.00 0.20
C ASP A 330 7.95 -12.15 0.42
N TYR A 331 7.16 -11.15 -0.02
CA TYR A 331 6.33 -11.28 -1.21
C TYR A 331 5.77 -9.94 -1.53
N GLN A 332 5.41 -9.84 -2.85
CA GLN A 332 4.67 -8.78 -3.51
C GLN A 332 5.53 -7.57 -3.87
N CYS A 333 5.45 -7.10 -5.07
CA CYS A 333 6.00 -5.84 -5.58
C CYS A 333 7.51 -5.86 -5.73
N ILE A 334 8.13 -7.03 -5.67
CA ILE A 334 9.56 -7.19 -5.85
C ILE A 334 9.83 -7.49 -7.32
N GLN A 335 10.47 -6.56 -8.01
CA GLN A 335 10.87 -6.82 -9.39
C GLN A 335 11.80 -8.03 -9.43
N PRO A 336 11.47 -9.10 -10.16
CA PRO A 336 12.36 -10.27 -10.14
C PRO A 336 13.72 -9.99 -10.76
N SER A 337 13.87 -8.88 -11.49
CA SER A 337 15.18 -8.46 -11.96
C SER A 337 16.20 -8.34 -10.84
N VAL A 338 15.77 -8.14 -9.59
CA VAL A 338 16.76 -7.98 -8.52
C VAL A 338 17.67 -9.19 -8.44
N ALA A 339 17.17 -10.38 -8.78
CA ALA A 339 18.01 -11.57 -8.65
C ALA A 339 19.16 -11.59 -9.66
N THR A 340 18.96 -11.03 -10.85
CA THR A 340 20.03 -10.96 -11.84
CA THR A 340 20.05 -10.99 -11.80
C THR A 340 20.95 -9.79 -11.57
N ILE A 341 20.38 -8.63 -11.20
CA ILE A 341 21.19 -7.45 -10.90
C ILE A 341 22.14 -7.75 -9.75
N ALA A 342 21.70 -8.56 -8.79
CA ALA A 342 22.52 -8.89 -7.64
C ALA A 342 23.86 -9.48 -8.05
N GLU A 343 23.90 -10.23 -9.16
CA GLU A 343 25.15 -10.83 -9.60
C GLU A 343 26.13 -9.76 -10.06
N CYS A 344 25.64 -8.63 -10.53
CA CYS A 344 26.48 -7.52 -10.96
CA CYS A 344 26.51 -7.54 -10.95
C CYS A 344 26.88 -6.61 -9.81
N THR A 345 26.02 -6.50 -8.80
N THR A 345 26.02 -6.46 -8.79
CA THR A 345 26.30 -5.52 -7.76
CA THR A 345 26.24 -5.47 -7.76
C THR A 345 26.99 -6.17 -6.56
C THR A 345 26.74 -6.05 -6.44
N GLY A 346 26.84 -7.45 -6.34
N GLY A 346 26.85 -7.37 -6.33
CA GLY A 346 27.33 -8.12 -5.15
CA GLY A 346 27.32 -7.95 -5.07
C GLY A 346 26.26 -8.42 -4.10
C GLY A 346 26.38 -7.81 -3.89
N THR A 347 25.13 -7.74 -4.16
CA THR A 347 24.09 -7.86 -3.15
C THR A 347 23.63 -9.32 -3.03
N THR A 348 23.38 -9.75 -1.81
CA THR A 348 22.78 -11.06 -1.56
C THR A 348 21.27 -10.88 -1.44
N VAL A 349 20.52 -11.41 -2.42
CA VAL A 349 19.06 -11.38 -2.40
C VAL A 349 18.57 -12.68 -1.77
N ILE A 350 17.74 -12.56 -0.75
CA ILE A 350 17.29 -13.70 0.04
C ILE A 350 15.77 -13.73 0.04
N THR A 351 15.20 -14.82 -0.46
CA THR A 351 13.77 -15.08 -0.31
C THR A 351 13.53 -15.91 0.94
N THR A 352 12.30 -15.83 1.47
CA THR A 352 12.00 -16.43 2.76
C THR A 352 10.66 -17.14 2.82
N MET A 353 9.78 -16.98 1.83
CA MET A 353 8.44 -17.54 1.86
CA MET A 353 8.45 -17.54 1.86
C MET A 353 8.31 -18.59 0.78
N GLU A 354 7.68 -19.71 1.13
CA GLU A 354 7.62 -20.86 0.24
C GLU A 354 6.94 -20.52 -1.09
N MET A 355 5.94 -19.64 -1.08
CA MET A 355 5.21 -19.34 -2.31
CA MET A 355 5.17 -19.31 -2.28
C MET A 355 5.76 -18.13 -3.06
N SER A 356 6.98 -17.68 -2.72
CA SER A 356 7.52 -16.51 -3.43
C SER A 356 9.04 -16.63 -3.54
N LYS A 357 9.48 -17.40 -4.52
CA LYS A 357 10.90 -17.64 -4.79
C LYS A 357 11.29 -16.96 -6.10
N ILE A 358 12.58 -16.68 -6.24
CA ILE A 358 13.07 -16.04 -7.47
C ILE A 358 14.31 -16.82 -7.91
N THR A 359 14.27 -17.38 -9.11
CA THR A 359 15.43 -18.10 -9.60
C THR A 359 16.70 -17.27 -9.48
N GLY A 360 17.73 -17.86 -8.90
CA GLY A 360 19.00 -17.21 -8.72
C GLY A 360 19.16 -16.53 -7.38
N ALA A 361 18.10 -16.38 -6.62
N ALA A 361 18.11 -16.44 -6.57
CA ALA A 361 18.21 -15.87 -5.26
CA ALA A 361 18.20 -15.82 -5.26
C ALA A 361 18.56 -17.03 -4.33
C ALA A 361 18.21 -16.89 -4.18
N THR A 362 19.07 -16.69 -3.17
CA THR A 362 19.23 -17.67 -2.10
C THR A 362 17.93 -17.72 -1.30
N HIS A 363 17.49 -18.93 -0.97
CA HIS A 363 16.27 -19.11 -0.21
C HIS A 363 16.62 -19.59 1.19
N VAL A 364 16.12 -18.86 2.18
CA VAL A 364 16.27 -19.23 3.58
C VAL A 364 14.85 -19.28 4.13
N ASN A 365 14.30 -20.45 4.32
N ASN A 365 14.40 -20.47 4.59
CA ASN A 365 13.00 -20.48 4.91
CA ASN A 365 13.01 -20.79 4.94
C ASN A 365 12.98 -19.71 6.20
C ASN A 365 12.57 -20.25 6.29
N PHE A 366 11.95 -18.95 6.40
N PHE A 366 11.96 -19.07 6.30
CA PHE A 366 11.74 -18.23 7.64
CA PHE A 366 11.51 -18.49 7.53
C PHE A 366 10.45 -18.80 8.22
C PHE A 366 10.39 -19.34 8.16
N ALA A 367 10.57 -19.49 9.36
N ALA A 367 10.47 -19.43 9.47
CA ALA A 367 9.46 -20.02 10.15
CA ALA A 367 9.39 -19.99 10.25
C ALA A 367 9.27 -19.18 11.41
C ALA A 367 9.24 -19.14 11.49
N GLU A 368 8.01 -18.86 11.73
N GLU A 368 8.00 -18.71 11.78
CA GLU A 368 7.68 -18.02 12.88
CA GLU A 368 7.77 -17.93 12.98
C GLU A 368 8.14 -18.71 14.15
C GLU A 368 8.27 -18.68 14.18
N GLU A 369 8.21 -19.95 14.16
CA GLU A 369 8.57 -20.85 15.30
C GLU A 369 10.09 -20.71 15.54
N ALA A 370 10.91 -20.30 14.55
CA ALA A 370 12.35 -20.18 14.64
C ALA A 370 12.79 -18.83 14.17
N ALA A 371 11.95 -17.79 14.39
CA ALA A 371 12.16 -16.53 13.69
C ALA A 371 13.52 -15.94 14.02
N VAL A 372 13.91 -15.95 15.29
CA VAL A 372 15.18 -15.31 15.65
C VAL A 372 16.34 -16.06 15.03
N GLU A 373 16.33 -17.39 15.10
CA GLU A 373 17.42 -18.17 14.51
CA GLU A 373 17.38 -18.21 14.50
C GLU A 373 17.45 -17.99 13.00
N ASN A 374 16.28 -17.93 12.34
N ASN A 374 16.30 -17.91 12.28
CA ASN A 374 16.30 -17.77 10.90
CA ASN A 374 16.44 -17.72 10.82
C ASN A 374 16.77 -16.37 10.54
C ASN A 374 16.91 -16.31 10.56
N ALA A 375 16.44 -15.37 11.36
CA ALA A 375 16.93 -14.01 11.12
C ALA A 375 18.46 -13.94 11.24
N LYS A 376 19.03 -14.60 12.24
CA LYS A 376 20.49 -14.58 12.38
C LYS A 376 21.18 -15.26 11.20
N GLN A 377 20.64 -16.37 10.70
CA GLN A 377 21.21 -16.99 9.51
C GLN A 377 21.21 -16.01 8.35
N ILE A 378 20.12 -15.29 8.17
CA ILE A 378 20.00 -14.33 7.07
C ILE A 378 21.01 -13.19 7.25
N LEU A 379 21.06 -12.63 8.46
CA LEU A 379 21.96 -11.49 8.69
C LEU A 379 23.42 -11.91 8.61
N ARG A 380 23.74 -13.15 8.93
CA ARG A 380 25.12 -13.59 8.76
C ARG A 380 25.52 -13.67 7.29
N LEU A 381 24.59 -13.99 6.39
CA LEU A 381 24.89 -13.89 4.96
C LEU A 381 25.18 -12.45 4.58
N ALA A 382 24.42 -11.50 5.15
CA ALA A 382 24.66 -10.09 4.87
C ALA A 382 26.03 -9.65 5.38
N ILE A 383 26.39 -10.07 6.58
CA ILE A 383 27.70 -9.73 7.12
C ILE A 383 28.80 -10.27 6.21
N ASP A 384 28.66 -11.53 5.78
CA ASP A 384 29.66 -12.10 4.88
C ASP A 384 29.78 -11.27 3.60
N THR A 385 28.65 -10.76 3.10
CA THR A 385 28.67 -9.97 1.87
C THR A 385 29.36 -8.63 2.09
N PHE A 386 29.11 -7.98 3.23
CA PHE A 386 29.84 -6.77 3.57
C PHE A 386 31.34 -7.01 3.52
N LYS A 387 31.80 -8.11 4.11
CA LYS A 387 33.22 -8.40 4.12
C LYS A 387 33.77 -8.52 2.70
N ARG A 388 32.97 -9.06 1.77
CA ARG A 388 33.45 -9.23 0.40
C ARG A 388 33.66 -7.91 -0.33
N ARG A 389 33.03 -6.82 0.11
CA ARG A 389 33.23 -5.53 -0.55
C ARG A 389 34.22 -4.62 0.18
N LYS A 390 34.98 -5.17 1.12
CA LYS A 390 36.03 -4.38 1.74
CA LYS A 390 36.01 -4.37 1.75
C LYS A 390 36.92 -3.81 0.66
N GLY A 391 37.15 -2.47 0.71
CA GLY A 391 38.05 -1.80 -0.20
C GLY A 391 37.42 -1.37 -1.51
N LYS A 392 36.17 -1.69 -1.76
N LYS A 392 36.16 -1.71 -1.76
CA LYS A 392 35.57 -1.36 -3.04
CA LYS A 392 35.52 -1.38 -3.03
C LYS A 392 34.81 -0.05 -2.92
C LYS A 392 34.80 -0.04 -2.91
N PRO A 393 35.05 0.93 -3.80
CA PRO A 393 34.28 2.16 -3.75
C PRO A 393 32.80 1.89 -3.94
N VAL A 394 31.98 2.71 -3.29
CA VAL A 394 30.55 2.67 -3.49
C VAL A 394 30.10 4.07 -3.87
N GLU A 395 28.91 4.17 -4.47
CA GLU A 395 28.37 5.46 -4.89
C GLU A 395 26.97 5.58 -4.29
N ILE A 396 26.91 6.05 -3.05
CA ILE A 396 25.65 6.33 -2.38
C ILE A 396 25.34 7.81 -2.61
N PRO A 397 24.31 8.15 -3.39
CA PRO A 397 23.96 9.57 -3.52
C PRO A 397 23.74 10.17 -2.13
N ASN A 398 24.33 11.33 -1.89
CA ASN A 398 24.26 11.97 -0.57
C ASN A 398 22.98 12.80 -0.46
N ILE A 399 21.86 12.11 -0.62
CA ILE A 399 20.57 12.72 -0.81
C ILE A 399 19.58 12.03 0.13
N LYS A 400 19.00 12.81 1.04
CA LYS A 400 17.98 12.28 1.92
C LYS A 400 17.13 13.40 2.44
N THR A 401 15.90 13.07 2.81
CA THR A 401 14.97 14.01 3.40
C THR A 401 14.65 13.59 4.83
N LYS A 402 14.24 14.59 5.62
CA LYS A 402 13.63 14.36 6.91
C LYS A 402 12.18 13.93 6.75
N VAL A 403 11.78 12.93 7.53
CA VAL A 403 10.44 12.35 7.45
C VAL A 403 9.86 12.25 8.86
N VAL A 404 8.76 12.95 9.10
CA VAL A 404 7.92 12.71 10.26
C VAL A 404 6.77 11.82 9.80
N ALA A 405 6.54 10.71 10.49
CA ALA A 405 5.55 9.73 10.07
C ALA A 405 4.91 9.15 11.31
N GLY A 406 4.23 8.01 11.17
CA GLY A 406 3.62 7.35 12.31
C GLY A 406 2.21 7.79 12.64
N PHE A 407 1.50 8.39 11.67
CA PHE A 407 0.15 8.91 11.90
C PHE A 407 -0.90 7.82 11.64
N SER A 408 -0.91 6.85 12.55
CA SER A 408 -2.07 5.95 12.65
C SER A 408 -3.30 6.78 12.97
N THR A 409 -4.48 6.18 12.78
CA THR A 409 -5.70 6.91 13.13
C THR A 409 -5.76 7.20 14.62
N GLU A 410 -5.31 6.26 15.45
CA GLU A 410 -5.21 6.52 16.89
C GLU A 410 -4.32 7.73 17.15
N ALA A 411 -3.19 7.84 16.45
CA ALA A 411 -2.29 8.97 16.65
C ALA A 411 -2.90 10.28 16.17
N ILE A 412 -3.64 10.26 15.07
CA ILE A 412 -4.30 11.48 14.58
C ILE A 412 -5.34 11.94 15.58
N ILE A 413 -6.16 11.01 16.08
CA ILE A 413 -7.15 11.34 17.10
C ILE A 413 -6.46 11.90 18.34
N ASN A 414 -5.36 11.28 18.75
CA ASN A 414 -4.66 11.78 19.93
C ASN A 414 -4.12 13.19 19.72
N ALA A 415 -3.55 13.45 18.54
CA ALA A 415 -3.05 14.79 18.25
C ALA A 415 -4.17 15.81 18.29
N LEU A 416 -5.31 15.50 17.66
CA LEU A 416 -6.46 16.38 17.69
C LEU A 416 -7.01 16.55 19.10
N SER A 417 -6.91 15.51 19.93
CA SER A 417 -7.45 15.59 21.29
C SER A 417 -6.75 16.65 22.12
N LYS A 418 -5.54 17.07 21.73
CA LYS A 418 -4.87 18.15 22.44
C LYS A 418 -5.57 19.47 22.26
N LEU A 419 -6.42 19.59 21.23
CA LEU A 419 -7.27 20.76 21.03
C LEU A 419 -8.66 20.57 21.60
N ASN A 420 -9.13 19.34 21.74
CA ASN A 420 -10.47 19.07 22.26
C ASN A 420 -10.43 17.64 22.83
N ALA A 421 -10.27 17.54 24.15
CA ALA A 421 -9.93 16.27 24.77
C ALA A 421 -11.03 15.24 24.59
N ASN A 422 -12.29 15.63 24.75
CA ASN A 422 -13.39 14.68 24.78
C ASN A 422 -14.22 14.67 23.49
N ASP A 423 -13.79 15.42 22.48
CA ASP A 423 -14.43 15.39 21.16
C ASP A 423 -13.33 15.63 20.13
N PRO A 424 -12.40 14.68 19.99
CA PRO A 424 -11.18 14.96 19.20
C PRO A 424 -11.44 15.23 17.74
N LEU A 425 -12.47 14.62 17.15
CA LEU A 425 -12.71 14.87 15.74
C LEU A 425 -13.25 16.26 15.49
N LYS A 426 -13.84 16.89 16.51
CA LYS A 426 -14.51 18.18 16.29
C LYS A 426 -13.57 19.26 15.77
N PRO A 427 -12.34 19.42 16.30
CA PRO A 427 -11.46 20.45 15.72
C PRO A 427 -11.20 20.25 14.24
N LEU A 428 -11.08 19.01 13.78
CA LEU A 428 -10.93 18.79 12.35
C LEU A 428 -12.19 19.24 11.61
N ILE A 429 -13.35 18.80 12.08
CA ILE A 429 -14.61 19.18 11.43
C ILE A 429 -14.80 20.69 11.46
N ASP A 430 -14.49 21.33 12.60
CA ASP A 430 -14.63 22.78 12.69
C ASP A 430 -13.87 23.48 11.59
N ASN A 431 -12.64 23.02 11.30
CA ASN A 431 -11.83 23.67 10.30
C ASN A 431 -12.21 23.28 8.88
N VAL A 432 -12.86 22.14 8.68
CA VAL A 432 -13.50 21.90 7.39
C VAL A 432 -14.64 22.90 7.19
N VAL A 433 -15.46 23.11 8.22
CA VAL A 433 -16.61 24.01 8.11
C VAL A 433 -16.16 25.44 7.82
N ASN A 434 -15.15 25.93 8.55
CA ASN A 434 -14.70 27.31 8.37
C ASN A 434 -13.77 27.49 7.18
N GLY A 435 -13.43 26.41 6.46
CA GLY A 435 -12.67 26.51 5.25
C GLY A 435 -11.16 26.47 5.42
N ASN A 436 -10.65 26.43 6.65
CA ASN A 436 -9.21 26.26 6.82
C ASN A 436 -8.75 24.93 6.26
N ILE A 437 -9.62 23.90 6.27
CA ILE A 437 -9.38 22.62 5.62
C ILE A 437 -10.47 22.48 4.55
N ARG A 438 -10.07 22.46 3.30
CA ARG A 438 -11.06 22.35 2.23
C ARG A 438 -11.68 20.95 2.19
N GLY A 439 -10.83 19.94 2.37
CA GLY A 439 -11.26 18.56 2.37
C GLY A 439 -10.06 17.69 2.67
N VAL A 440 -10.20 16.39 2.42
CA VAL A 440 -9.13 15.44 2.68
C VAL A 440 -8.87 14.66 1.40
N CYS A 441 -7.59 14.46 1.08
CA CYS A 441 -7.22 13.59 -0.03
C CYS A 441 -6.21 12.55 0.45
N LEU A 442 -6.52 11.28 0.18
CA LEU A 442 -5.62 10.16 0.43
C LEU A 442 -4.86 9.84 -0.85
N PHE A 443 -3.54 9.96 -0.83
CA PHE A 443 -2.69 9.43 -1.91
C PHE A 443 -2.29 8.01 -1.56
N ALA A 444 -2.45 7.11 -2.52
CA ALA A 444 -2.22 5.69 -2.28
C ALA A 444 -1.57 5.07 -3.51
N GLY A 445 -1.00 3.90 -3.30
CA GLY A 445 -0.54 3.10 -4.38
C GLY A 445 0.85 3.40 -4.86
N CYS A 446 1.12 2.81 -6.02
CA CYS A 446 2.45 2.53 -6.55
C CYS A 446 3.02 3.72 -7.31
N ASN A 447 4.27 3.57 -7.75
CA ASN A 447 4.78 4.22 -8.95
C ASN A 447 4.57 3.27 -10.14
N ASN A 448 4.68 3.82 -11.35
CA ASN A 448 4.45 3.06 -12.59
C ASN A 448 5.44 3.59 -13.61
N VAL A 449 6.22 2.70 -14.23
CA VAL A 449 7.25 3.11 -15.17
C VAL A 449 6.72 3.99 -16.29
N LYS A 450 5.41 3.93 -16.59
CA LYS A 450 4.88 4.79 -17.65
C LYS A 450 4.88 6.26 -17.27
N VAL A 451 4.93 6.59 -15.99
CA VAL A 451 4.83 7.96 -15.48
C VAL A 451 6.18 8.33 -14.89
N PRO A 452 6.78 9.47 -15.28
CA PRO A 452 8.02 9.87 -14.63
C PRO A 452 7.87 9.78 -13.12
N GLN A 453 8.79 9.07 -12.47
CA GLN A 453 8.56 8.64 -11.09
C GLN A 453 8.28 9.84 -10.19
N ASP A 454 7.15 9.77 -9.49
CA ASP A 454 6.68 10.69 -8.45
C ASP A 454 6.00 11.93 -9.04
N GLN A 455 6.06 12.13 -10.35
CA GLN A 455 5.62 13.40 -10.93
C GLN A 455 4.13 13.65 -10.68
N ASN A 456 3.29 12.61 -10.76
CA ASN A 456 1.88 12.83 -10.52
C ASN A 456 1.60 13.10 -9.04
N PHE A 457 2.19 12.28 -8.16
CA PHE A 457 1.98 12.52 -6.72
C PHE A 457 2.35 13.94 -6.34
N THR A 458 3.54 14.40 -6.73
CA THR A 458 3.97 15.72 -6.26
C THR A 458 3.20 16.84 -6.94
N THR A 459 2.91 16.72 -8.23
CA THR A 459 2.16 17.77 -8.93
C THR A 459 0.78 17.92 -8.33
N ILE A 460 0.08 16.80 -8.13
CA ILE A 460 -1.27 16.86 -7.57
C ILE A 460 -1.21 17.36 -6.14
N ALA A 461 -0.31 16.80 -5.32
CA ALA A 461 -0.24 17.19 -3.92
C ALA A 461 0.03 18.70 -3.79
N ARG A 462 0.95 19.24 -4.59
CA ARG A 462 1.24 20.67 -4.47
C ARG A 462 0.00 21.52 -4.70
N LYS A 463 -0.79 21.20 -5.73
CA LYS A 463 -1.98 21.99 -6.01
CA LYS A 463 -1.99 21.96 -6.02
C LYS A 463 -3.00 21.85 -4.88
N LEU A 464 -3.20 20.65 -4.36
CA LEU A 464 -4.18 20.44 -3.31
C LEU A 464 -3.76 21.14 -2.01
N LEU A 465 -2.48 21.05 -1.65
CA LEU A 465 -2.01 21.69 -0.43
C LEU A 465 -2.20 23.21 -0.48
N LYS A 466 -1.93 23.81 -1.65
CA LYS A 466 -2.14 25.25 -1.78
C LYS A 466 -3.60 25.63 -1.64
N GLN A 467 -4.51 24.71 -1.95
CA GLN A 467 -5.95 24.91 -1.80
C GLN A 467 -6.48 24.41 -0.45
N ASN A 468 -5.61 24.24 0.50
N ASN A 468 -5.61 24.28 0.54
CA ASN A 468 -5.97 23.94 1.91
CA ASN A 468 -5.97 23.95 1.93
C ASN A 468 -6.53 22.52 2.11
C ASN A 468 -6.54 22.54 2.10
N VAL A 469 -6.16 21.58 1.25
CA VAL A 469 -6.58 20.20 1.43
C VAL A 469 -5.64 19.52 2.43
N LEU A 470 -6.23 18.84 3.41
CA LEU A 470 -5.48 17.96 4.30
C LEU A 470 -5.13 16.69 3.53
N VAL A 471 -3.83 16.43 3.36
CA VAL A 471 -3.35 15.33 2.55
C VAL A 471 -2.77 14.26 3.47
N VAL A 472 -3.24 13.03 3.26
CA VAL A 472 -2.73 11.85 3.95
C VAL A 472 -2.24 10.89 2.87
N ALA A 473 -1.35 9.98 3.25
CA ALA A 473 -0.73 9.14 2.23
C ALA A 473 -0.30 7.80 2.81
N THR A 474 -0.29 6.79 1.95
CA THR A 474 0.15 5.46 2.32
C THR A 474 0.99 4.85 1.19
N GLY A 475 1.65 3.75 1.52
CA GLY A 475 2.35 2.97 0.51
C GLY A 475 3.42 3.75 -0.21
N CYS A 476 3.55 3.50 -1.49
N CYS A 476 3.54 3.48 -1.51
CA CYS A 476 4.56 4.18 -2.27
CA CYS A 476 4.53 4.18 -2.32
C CYS A 476 4.11 5.57 -2.72
C CYS A 476 4.14 5.64 -2.51
N GLY A 477 2.86 5.97 -2.44
CA GLY A 477 2.48 7.35 -2.52
C GLY A 477 3.08 8.14 -1.38
N ALA A 478 2.97 7.60 -0.16
CA ALA A 478 3.73 8.13 0.96
C ALA A 478 5.22 8.14 0.65
N GLY A 479 5.72 7.08 0.02
CA GLY A 479 7.13 7.04 -0.34
C GLY A 479 7.54 8.17 -1.26
N ALA A 480 6.74 8.42 -2.30
CA ALA A 480 7.02 9.50 -3.23
C ALA A 480 7.02 10.84 -2.50
N LEU A 481 6.02 11.07 -1.67
CA LEU A 481 5.92 12.36 -1.00
C LEU A 481 7.03 12.52 0.02
N MET A 482 7.38 11.44 0.76
CA MET A 482 8.45 11.60 1.73
CA MET A 482 8.48 11.49 1.72
C MET A 482 9.78 11.92 1.05
N ARG A 483 10.07 11.28 -0.09
CA ARG A 483 11.35 11.49 -0.75
C ARG A 483 11.47 12.86 -1.37
N HIS A 484 10.37 13.60 -1.49
CA HIS A 484 10.39 14.96 -2.01
C HIS A 484 10.11 16.01 -0.95
N GLY A 485 10.19 15.65 0.33
CA GLY A 485 10.15 16.61 1.41
C GLY A 485 8.77 16.91 1.96
N PHE A 486 7.74 16.20 1.51
CA PHE A 486 6.38 16.52 1.93
C PHE A 486 6.07 16.06 3.35
N MET A 487 6.96 15.30 3.99
CA MET A 487 6.81 14.87 5.36
CA MET A 487 6.76 14.92 5.38
C MET A 487 7.76 15.60 6.31
N ASP A 488 8.34 16.72 5.86
CA ASP A 488 9.23 17.53 6.68
C ASP A 488 8.47 18.79 7.08
N PRO A 489 8.18 19.00 8.37
CA PRO A 489 7.46 20.22 8.77
C PRO A 489 8.15 21.52 8.39
N ALA A 490 9.45 21.49 8.12
CA ALA A 490 10.13 22.69 7.68
C ALA A 490 9.59 23.20 6.35
N ASN A 491 8.86 22.37 5.60
CA ASN A 491 8.34 22.76 4.30
C ASN A 491 6.89 23.21 4.32
N VAL A 492 6.29 23.36 5.50
CA VAL A 492 4.89 23.77 5.59
C VAL A 492 4.69 25.15 4.97
N ASP A 493 5.58 26.10 5.29
CA ASP A 493 5.42 27.47 4.79
C ASP A 493 5.38 27.49 3.27
N GLU A 494 6.27 26.73 2.64
CA GLU A 494 6.37 26.71 1.18
C GLU A 494 5.17 26.03 0.54
N LEU A 495 4.70 24.94 1.13
CA LEU A 495 3.77 24.06 0.44
C LEU A 495 2.31 24.35 0.75
N CYS A 496 1.98 24.83 1.94
CA CYS A 496 0.61 24.80 2.43
C CYS A 496 -0.08 26.15 2.29
N GLY A 497 -1.35 26.11 1.90
CA GLY A 497 -2.17 27.30 1.97
C GLY A 497 -2.27 27.83 3.40
N ASP A 498 -2.67 29.10 3.52
CA ASP A 498 -2.66 29.74 4.83
C ASP A 498 -3.59 29.03 5.82
N GLY A 499 -4.76 28.59 5.35
CA GLY A 499 -5.70 27.94 6.25
C GLY A 499 -5.16 26.61 6.74
N LEU A 500 -4.62 25.81 5.83
CA LEU A 500 -4.04 24.53 6.23
C LEU A 500 -2.84 24.73 7.13
N LYS A 501 -1.98 25.69 6.80
CA LYS A 501 -0.86 26.00 7.68
CA LYS A 501 -0.85 25.98 7.68
C LYS A 501 -1.33 26.33 9.08
N ALA A 502 -2.39 27.13 9.20
CA ALA A 502 -2.89 27.50 10.52
C ALA A 502 -3.31 26.28 11.32
N VAL A 503 -3.98 25.32 10.66
CA VAL A 503 -4.46 24.13 11.36
C VAL A 503 -3.29 23.22 11.74
N LEU A 504 -2.37 22.96 10.80
CA LEU A 504 -1.23 22.11 11.11
C LEU A 504 -0.41 22.72 12.24
N THR A 505 -0.30 24.06 12.26
CA THR A 505 0.44 24.75 13.31
C THR A 505 -0.28 24.66 14.64
N ALA A 506 -1.60 24.87 14.64
CA ALA A 506 -2.35 24.79 15.89
C ALA A 506 -2.27 23.40 16.50
N ILE A 507 -2.41 22.35 15.67
CA ILE A 507 -2.29 21.00 16.20
C ILE A 507 -0.88 20.74 16.70
N GLY A 508 0.12 21.08 15.89
CA GLY A 508 1.50 20.83 16.28
C GLY A 508 1.88 21.55 17.56
N GLU A 509 1.50 22.81 17.68
CA GLU A 509 1.86 23.55 18.88
C GLU A 509 1.12 23.02 20.10
N ALA A 510 -0.10 22.52 19.94
CA ALA A 510 -0.80 21.91 21.06
C ALA A 510 -0.19 20.57 21.44
N ASN A 511 0.57 19.95 20.55
CA ASN A 511 1.29 18.72 20.83
C ASN A 511 2.73 18.97 21.27
N GLY A 512 3.08 20.22 21.58
CA GLY A 512 4.38 20.54 22.15
C GLY A 512 5.51 20.63 21.16
N LEU A 513 5.22 20.70 19.87
CA LEU A 513 6.26 20.66 18.84
C LEU A 513 6.94 22.01 18.62
N GLY A 514 6.36 23.10 19.10
CA GLY A 514 6.89 24.40 18.73
C GLY A 514 6.86 24.63 17.24
N GLY A 515 6.02 23.89 16.53
CA GLY A 515 5.98 23.91 15.10
C GLY A 515 4.82 23.06 14.62
N PRO A 516 4.60 23.06 13.31
CA PRO A 516 3.44 22.36 12.76
C PRO A 516 3.66 20.86 12.58
N LEU A 517 2.53 20.14 12.44
CA LEU A 517 2.56 18.83 11.83
C LEU A 517 3.14 18.95 10.43
N PRO A 518 3.60 17.85 9.85
CA PRO A 518 4.15 17.91 8.49
C PRO A 518 3.08 18.20 7.45
N PRO A 519 3.51 18.59 6.23
CA PRO A 519 2.52 18.92 5.19
C PRO A 519 1.61 17.78 4.81
N VAL A 520 2.10 16.54 4.89
CA VAL A 520 1.35 15.33 4.55
C VAL A 520 1.47 14.38 5.72
N LEU A 521 0.37 13.74 6.09
CA LEU A 521 0.36 12.77 7.18
C LEU A 521 0.52 11.35 6.62
N HIS A 522 1.58 10.68 7.03
CA HIS A 522 1.89 9.32 6.61
C HIS A 522 1.10 8.34 7.46
N MET A 523 0.10 7.70 6.86
CA MET A 523 -0.75 6.74 7.55
C MET A 523 -0.31 5.28 7.39
N GLY A 524 0.76 5.01 6.65
CA GLY A 524 1.42 3.71 6.72
C GLY A 524 1.50 2.98 5.39
N SER A 525 1.49 1.66 5.48
CA SER A 525 1.62 0.77 4.35
C SER A 525 0.32 0.71 3.53
N CYS A 526 0.34 -0.10 2.47
CA CYS A 526 -0.91 -0.17 1.67
CA CYS A 526 -0.84 -0.34 1.62
C CYS A 526 -2.04 -0.89 2.41
N VAL A 527 -1.79 -1.88 3.27
CA VAL A 527 -2.90 -2.40 4.06
C VAL A 527 -3.45 -1.30 4.96
N ASP A 528 -2.57 -0.40 5.40
CA ASP A 528 -2.94 0.72 6.24
C ASP A 528 -3.76 1.79 5.53
N ASN A 529 -4.08 1.64 4.24
CA ASN A 529 -5.22 2.37 3.71
C ASN A 529 -6.45 2.11 4.57
N SER A 530 -6.49 0.96 5.27
CA SER A 530 -7.59 0.70 6.19
C SER A 530 -7.65 1.72 7.32
N ARG A 531 -6.51 2.31 7.70
CA ARG A 531 -6.51 3.36 8.71
C ARG A 531 -7.26 4.58 8.22
N ALA A 532 -7.09 4.93 6.95
CA ALA A 532 -7.84 6.04 6.39
C ALA A 532 -9.34 5.72 6.42
N VAL A 533 -9.72 4.47 6.14
CA VAL A 533 -11.11 4.09 6.28
C VAL A 533 -11.59 4.30 7.70
N ALA A 534 -10.80 3.87 8.69
CA ALA A 534 -11.20 4.08 10.08
C ALA A 534 -11.42 5.56 10.38
N LEU A 535 -10.54 6.42 9.89
CA LEU A 535 -10.68 7.85 10.16
C LEU A 535 -11.93 8.41 9.50
N VAL A 536 -12.15 8.06 8.23
CA VAL A 536 -13.28 8.57 7.48
C VAL A 536 -14.60 8.04 8.04
N ALA A 537 -14.64 6.74 8.39
CA ALA A 537 -15.83 6.20 9.03
C ALA A 537 -16.11 6.88 10.36
N ALA A 538 -15.07 7.18 11.13
CA ALA A 538 -15.27 7.86 12.41
C ALA A 538 -15.82 9.25 12.20
N LEU A 539 -15.34 9.95 11.16
CA LEU A 539 -15.90 11.26 10.84
C LEU A 539 -17.35 11.16 10.40
N ALA A 540 -17.65 10.19 9.53
CA ALA A 540 -19.03 10.00 9.09
C ALA A 540 -19.95 9.73 10.28
N ASN A 541 -19.51 8.86 11.19
CA ASN A 541 -20.33 8.52 12.36
CA ASN A 541 -20.35 8.53 12.34
C ASN A 541 -20.52 9.73 13.25
N ARG A 542 -19.46 10.53 13.45
CA ARG A 542 -19.55 11.71 14.29
C ARG A 542 -20.52 12.72 13.71
N LEU A 543 -20.60 12.81 12.38
CA LEU A 543 -21.47 13.76 11.70
C LEU A 543 -22.87 13.21 11.46
N GLY A 544 -23.06 11.90 11.56
CA GLY A 544 -24.36 11.32 11.27
C GLY A 544 -24.70 11.29 9.80
N VAL A 545 -23.70 11.23 8.93
CA VAL A 545 -23.90 11.12 7.49
C VAL A 545 -23.07 9.97 6.97
N ASP A 546 -23.39 9.53 5.76
CA ASP A 546 -22.64 8.46 5.11
C ASP A 546 -21.39 9.03 4.44
N LEU A 547 -20.47 8.12 4.12
CA LEU A 547 -19.17 8.53 3.59
C LEU A 547 -19.26 9.25 2.26
N ASP A 548 -20.29 8.96 1.46
CA ASP A 548 -20.45 9.63 0.18
C ASP A 548 -20.97 11.05 0.28
N ARG A 549 -21.13 11.58 1.50
CA ARG A 549 -21.42 13.01 1.69
C ARG A 549 -20.20 13.76 2.18
N LEU A 550 -19.10 13.08 2.48
CA LEU A 550 -17.95 13.78 3.05
C LEU A 550 -17.02 14.33 1.97
N PRO A 551 -16.38 15.46 2.25
CA PRO A 551 -15.40 16.02 1.29
C PRO A 551 -14.05 15.32 1.40
N VAL A 552 -14.04 14.05 1.00
CA VAL A 552 -12.89 13.16 1.09
C VAL A 552 -12.77 12.47 -0.25
N VAL A 553 -11.56 12.44 -0.79
CA VAL A 553 -11.25 11.83 -2.07
C VAL A 553 -9.97 11.00 -1.93
N ALA A 554 -9.74 10.14 -2.92
CA ALA A 554 -8.53 9.34 -2.98
C ALA A 554 -7.90 9.47 -4.35
N SER A 555 -6.58 9.25 -4.42
CA SER A 555 -5.83 9.32 -5.66
C SER A 555 -4.76 8.24 -5.68
N ALA A 556 -4.94 7.25 -6.56
CA ALA A 556 -3.92 6.27 -6.89
C ALA A 556 -3.19 6.81 -8.12
N ALA A 557 -2.35 7.82 -7.88
CA ALA A 557 -1.89 8.70 -8.96
C ALA A 557 -0.94 8.04 -9.94
N GLU A 558 -0.27 6.95 -9.54
CA GLU A 558 0.73 6.28 -10.38
C GLU A 558 0.58 4.76 -10.26
N ALA A 559 -0.66 4.29 -10.25
CA ALA A 559 -0.97 2.92 -9.86
C ALA A 559 -0.32 1.87 -10.77
N MET A 560 0.01 0.72 -10.17
CA MET A 560 0.63 -0.38 -10.90
C MET A 560 0.03 -1.74 -10.55
N HIS A 561 0.02 -2.13 -9.28
CA HIS A 561 -0.26 -3.51 -8.92
C HIS A 561 -1.75 -3.81 -8.95
N GLU A 562 -2.10 -5.08 -9.16
CA GLU A 562 -3.49 -5.51 -8.97
C GLU A 562 -4.05 -5.09 -7.62
N LYS A 563 -3.20 -5.06 -6.59
CA LYS A 563 -3.65 -4.58 -5.27
C LYS A 563 -4.15 -3.15 -5.33
N ALA A 564 -3.51 -2.30 -6.15
CA ALA A 564 -3.95 -0.91 -6.27
C ALA A 564 -5.29 -0.81 -6.97
N VAL A 565 -5.55 -1.68 -7.94
CA VAL A 565 -6.87 -1.74 -8.56
C VAL A 565 -7.92 -2.14 -7.54
N ALA A 566 -7.62 -3.13 -6.70
CA ALA A 566 -8.56 -3.54 -5.67
C ALA A 566 -8.84 -2.40 -4.68
N ILE A 567 -7.79 -1.72 -4.22
CA ILE A 567 -7.96 -0.61 -3.27
C ILE A 567 -8.77 0.52 -3.91
N GLY A 568 -8.44 0.90 -5.15
CA GLY A 568 -9.22 1.94 -5.78
C GLY A 568 -10.69 1.54 -5.87
N THR A 569 -10.95 0.28 -6.19
CA THR A 569 -12.32 -0.19 -6.32
C THR A 569 -13.06 -0.15 -4.98
N TRP A 570 -12.41 -0.54 -3.87
CA TRP A 570 -13.15 -0.42 -2.61
C TRP A 570 -13.29 1.03 -2.16
N ALA A 571 -12.35 1.91 -2.53
CA ALA A 571 -12.54 3.32 -2.23
C ALA A 571 -13.81 3.84 -2.88
N VAL A 572 -14.05 3.45 -4.13
CA VAL A 572 -15.29 3.79 -4.82
C VAL A 572 -16.47 3.15 -4.11
N THR A 573 -16.33 1.87 -3.72
CA THR A 573 -17.44 1.14 -3.14
C THR A 573 -17.88 1.72 -1.79
N ILE A 574 -16.93 2.25 -1.00
CA ILE A 574 -17.30 2.83 0.28
C ILE A 574 -17.80 4.27 0.15
N GLY A 575 -17.71 4.85 -1.05
CA GLY A 575 -18.35 6.14 -1.30
C GLY A 575 -17.46 7.28 -1.74
N LEU A 576 -16.20 7.01 -2.10
CA LEU A 576 -15.27 8.10 -2.38
C LEU A 576 -15.07 8.35 -3.87
N PRO A 577 -14.99 9.62 -4.28
CA PRO A 577 -14.39 9.94 -5.59
C PRO A 577 -12.93 9.52 -5.58
N THR A 578 -12.54 8.70 -6.56
CA THR A 578 -11.26 7.99 -6.54
C THR A 578 -10.56 8.22 -7.88
N HIS A 579 -9.46 8.99 -7.84
CA HIS A 579 -8.67 9.25 -9.02
C HIS A 579 -7.69 8.09 -9.25
N ILE A 580 -7.53 7.72 -10.52
CA ILE A 580 -6.44 6.84 -10.96
C ILE A 580 -5.69 7.56 -12.09
N GLY A 581 -4.37 7.65 -11.95
CA GLY A 581 -3.53 8.44 -12.82
C GLY A 581 -2.83 7.67 -13.92
N VAL A 582 -3.15 6.39 -14.07
CA VAL A 582 -2.72 5.52 -15.15
CA VAL A 582 -2.73 5.58 -15.21
C VAL A 582 -4.00 4.96 -15.77
N LEU A 583 -3.93 4.50 -17.03
N LEU A 583 -3.93 4.52 -17.00
CA LEU A 583 -5.10 3.92 -17.64
CA LEU A 583 -5.10 3.95 -17.64
C LEU A 583 -5.25 2.48 -17.19
C LEU A 583 -5.26 2.49 -17.23
N PRO A 584 -6.34 2.14 -16.50
CA PRO A 584 -6.65 0.72 -16.34
C PRO A 584 -7.22 0.19 -17.64
N PRO A 585 -7.24 -1.13 -17.86
CA PRO A 585 -7.62 -1.67 -19.19
C PRO A 585 -9.13 -1.73 -19.35
N ILE A 586 -9.73 -0.55 -19.40
CA ILE A 586 -11.18 -0.40 -19.47
C ILE A 586 -11.65 0.41 -20.66
N THR A 587 -10.77 1.17 -21.33
CA THR A 587 -11.27 2.13 -22.30
C THR A 587 -11.82 1.46 -23.56
N GLY A 588 -11.50 0.19 -23.77
CA GLY A 588 -12.09 -0.56 -24.86
C GLY A 588 -13.58 -0.79 -24.74
N SER A 589 -14.18 -0.52 -23.58
CA SER A 589 -15.63 -0.61 -23.43
C SER A 589 -16.18 0.69 -22.85
N LEU A 590 -16.88 1.46 -23.67
CA LEU A 590 -17.53 2.66 -23.16
C LEU A 590 -18.56 2.30 -22.10
N PRO A 591 -19.42 1.28 -22.27
CA PRO A 591 -20.35 0.95 -21.19
C PRO A 591 -19.69 0.66 -19.86
N VAL A 592 -18.57 -0.07 -19.85
CA VAL A 592 -17.89 -0.33 -18.59
C VAL A 592 -17.32 0.96 -18.02
N THR A 593 -16.67 1.76 -18.87
CA THR A 593 -16.11 3.02 -18.40
C THR A 593 -17.19 3.90 -17.79
N GLN A 594 -18.36 3.96 -18.43
CA GLN A 594 -19.47 4.77 -17.94
CA GLN A 594 -19.46 4.79 -17.93
C GLN A 594 -19.97 4.27 -16.59
N ILE A 595 -20.02 2.95 -16.39
CA ILE A 595 -20.41 2.44 -15.08
C ILE A 595 -19.40 2.89 -14.02
N LEU A 596 -18.11 2.68 -14.29
CA LEU A 596 -17.10 2.93 -13.27
C LEU A 596 -16.89 4.40 -12.96
N THR A 597 -17.16 5.29 -13.91
CA THR A 597 -16.92 6.71 -13.73
C THR A 597 -18.19 7.52 -13.50
N SER A 598 -19.36 6.91 -13.68
CA SER A 598 -20.62 7.64 -13.61
C SER A 598 -21.75 6.88 -12.95
N SER A 599 -22.21 5.79 -13.54
CA SER A 599 -23.44 5.23 -12.98
CA SER A 599 -23.40 5.09 -13.04
C SER A 599 -23.21 4.56 -11.63
N VAL A 600 -21.98 4.19 -11.28
CA VAL A 600 -21.75 3.66 -9.94
C VAL A 600 -22.06 4.69 -8.87
N LYS A 601 -22.05 5.98 -9.21
CA LYS A 601 -22.49 7.01 -8.25
CA LYS A 601 -22.49 7.01 -8.25
C LYS A 601 -23.85 6.66 -7.67
N ASP A 602 -24.73 6.10 -8.48
CA ASP A 602 -26.09 5.79 -8.07
C ASP A 602 -26.18 4.53 -7.23
N ILE A 603 -25.10 3.74 -7.18
CA ILE A 603 -25.03 2.51 -6.39
C ILE A 603 -24.37 2.79 -5.05
N THR A 604 -23.13 3.31 -5.07
CA THR A 604 -22.35 3.48 -3.86
C THR A 604 -22.07 4.93 -3.49
N GLY A 605 -22.30 5.86 -4.40
CA GLY A 605 -21.96 7.25 -4.18
C GLY A 605 -20.54 7.62 -4.53
N GLY A 606 -19.65 6.64 -4.66
CA GLY A 606 -18.31 6.89 -5.15
C GLY A 606 -18.23 6.73 -6.65
N TYR A 607 -17.04 6.97 -7.20
CA TYR A 607 -16.84 6.88 -8.64
C TYR A 607 -15.36 7.06 -8.95
N PHE A 608 -14.92 6.43 -10.04
CA PHE A 608 -13.56 6.65 -10.53
C PHE A 608 -13.46 7.94 -11.33
N ILE A 609 -12.29 8.58 -11.20
CA ILE A 609 -11.87 9.71 -12.02
C ILE A 609 -10.60 9.25 -12.73
N VAL A 610 -10.70 8.95 -14.02
CA VAL A 610 -9.54 8.49 -14.79
C VAL A 610 -8.91 9.73 -15.44
N GLU A 611 -7.69 10.09 -15.04
CA GLU A 611 -7.07 11.28 -15.59
C GLU A 611 -5.55 11.17 -15.54
N LEU A 612 -4.93 11.11 -16.71
CA LEU A 612 -3.50 10.94 -16.84
CA LEU A 612 -3.50 10.93 -16.79
C LEU A 612 -2.72 12.24 -16.68
N ASP A 613 -3.35 13.39 -16.92
CA ASP A 613 -2.64 14.66 -16.77
CA ASP A 613 -2.66 14.67 -16.77
C ASP A 613 -2.77 15.13 -15.33
N PRO A 614 -1.66 15.26 -14.58
CA PRO A 614 -1.80 15.53 -13.14
C PRO A 614 -2.38 16.90 -12.80
N GLU A 615 -2.05 17.95 -13.57
N GLU A 615 -2.11 17.94 -13.60
CA GLU A 615 -2.69 19.23 -13.30
CA GLU A 615 -2.73 19.22 -13.26
C GLU A 615 -4.21 19.09 -13.41
C GLU A 615 -4.23 19.16 -13.46
N THR A 616 -4.67 18.45 -14.50
CA THR A 616 -6.10 18.27 -14.71
C THR A 616 -6.70 17.38 -13.62
N ALA A 617 -5.97 16.35 -13.20
CA ALA A 617 -6.45 15.49 -12.13
C ALA A 617 -6.65 16.28 -10.84
N ALA A 618 -5.73 17.19 -10.53
CA ALA A 618 -5.87 18.01 -9.34
C ALA A 618 -7.13 18.86 -9.43
N ASP A 619 -7.38 19.48 -10.58
CA ASP A 619 -8.61 20.25 -10.75
C ASP A 619 -9.84 19.37 -10.55
N LYS A 620 -9.82 18.15 -11.09
CA LYS A 620 -10.98 17.28 -10.97
C LYS A 620 -11.18 16.81 -9.53
N LEU A 621 -10.08 16.58 -8.80
CA LEU A 621 -10.18 16.20 -7.39
C LEU A 621 -10.72 17.37 -6.57
N LEU A 622 -10.26 18.59 -6.86
CA LEU A 622 -10.77 19.75 -6.15
C LEU A 622 -12.25 19.96 -6.45
N ALA A 623 -12.67 19.76 -7.70
CA ALA A 623 -14.09 19.86 -8.02
C ALA A 623 -14.90 18.83 -7.25
N ALA A 624 -14.38 17.61 -7.12
CA ALA A 624 -15.09 16.57 -6.38
C ALA A 624 -15.21 16.96 -4.90
N ILE A 625 -14.13 17.47 -4.31
CA ILE A 625 -14.17 17.93 -2.92
C ILE A 625 -15.21 19.04 -2.78
N ASN A 626 -15.15 20.01 -3.70
CA ASN A 626 -16.01 21.19 -3.58
C ASN A 626 -17.47 20.82 -3.82
N GLU A 627 -17.76 19.85 -4.69
CA GLU A 627 -19.13 19.38 -4.84
CA GLU A 627 -19.13 19.37 -4.84
C GLU A 627 -19.64 18.78 -3.53
N ARG A 628 -18.78 18.03 -2.83
CA ARG A 628 -19.16 17.48 -1.54
C ARG A 628 -19.42 18.61 -0.53
N ARG A 629 -18.54 19.63 -0.50
CA ARG A 629 -18.75 20.77 0.38
C ARG A 629 -20.11 21.41 0.10
N ALA A 630 -20.42 21.63 -1.18
CA ALA A 630 -21.69 22.26 -1.52
C ALA A 630 -22.87 21.41 -1.07
N GLY A 631 -22.75 20.08 -1.21
CA GLY A 631 -23.81 19.20 -0.78
C GLY A 631 -24.09 19.26 0.71
N LEU A 632 -23.08 19.63 1.50
CA LEU A 632 -23.23 19.84 2.93
C LEU A 632 -23.64 21.26 3.28
N GLY A 633 -23.86 22.11 2.28
CA GLY A 633 -24.22 23.49 2.53
C GLY A 633 -23.07 24.38 2.93
N LEU A 634 -21.82 23.96 2.66
CA LEU A 634 -20.66 24.73 3.06
C LEU A 634 -20.17 25.63 1.93
N PRO A 635 -19.59 26.78 2.28
CA PRO A 635 -18.89 27.58 1.25
C PRO A 635 -17.71 26.80 0.69
N TRP A 636 -17.31 27.17 -0.51
CA TRP A 636 -16.16 26.54 -1.16
C TRP A 636 -15.51 27.50 -2.13
FE1 SF4 B . -12.23 -16.21 -26.59
FE2 SF4 B . -12.35 -18.19 -24.76
FE3 SF4 B . -12.24 -15.60 -23.99
FE4 SF4 B . -14.52 -16.51 -25.14
S1 SF4 B . -13.60 -17.15 -23.09
S2 SF4 B . -13.52 -14.55 -25.59
S3 SF4 B . -13.62 -18.00 -26.69
S4 SF4 B . -10.59 -16.80 -25.05
FE1 FES C . -3.72 -10.07 -26.07
FE2 FES C . -2.02 -8.18 -26.97
S1 FES C . -3.57 -9.37 -28.24
S2 FES C . -2.75 -8.38 -24.83
FE1 F3S D . 4.30 0.03 -3.41
FE3 F3S D . 2.18 -0.49 -5.01
FE4 F3S D . 3.53 -2.44 -4.06
S1 F3S D . 2.17 0.94 -3.17
S2 F3S D . 4.55 -1.87 -2.08
S3 F3S D . 4.47 -0.86 -5.54
S4 F3S D . 1.17 -2.34 -4.17
FE FE E . 2.62 -2.53 -0.96
FE FE E . 2.47 -1.12 -1.21
NI NI F . 0.91 -0.99 -2.58
NI NI F . 0.46 -0.50 -2.82
C CMO G . -1.24 -0.39 -3.43
O CMO G . -2.26 -0.08 -3.78
C CO2 H . 0.05 -2.42 -1.91
O1 CO2 H . 0.79 -3.28 -1.24
O2 CO2 H . -1.22 -2.77 -1.95
C TRS I . 5.30 2.64 19.44
C1 TRS I . 5.54 1.93 18.10
C2 TRS I . 4.90 1.61 20.52
C3 TRS I . 4.19 3.67 19.26
N TRS I . 6.54 3.31 19.89
O1 TRS I . 6.70 1.12 18.14
O2 TRS I . 3.75 0.88 20.10
O3 TRS I . 3.96 4.39 20.46
H11 TRS I . 5.64 2.68 17.32
H12 TRS I . 4.67 1.31 17.86
H21 TRS I . 4.67 2.13 21.45
H22 TRS I . 5.72 0.92 20.71
H31 TRS I . 3.27 3.18 18.95
H32 TRS I . 4.48 4.37 18.48
HN1 TRS I . 6.97 4.03 19.32
HN2 TRS I . 7.25 2.84 20.06
HN3 TRS I . 6.54 3.83 20.77
HO1 TRS I . 7.44 1.63 18.53
HO2 TRS I . 3.51 0.24 20.80
HO3 TRS I . 3.38 3.98 20.92
#